data_8E72
#
_entry.id   8E72
#
_cell.length_a   94.406
_cell.length_b   94.406
_cell.length_c   288.014
_cell.angle_alpha   90.00
_cell.angle_beta   90.00
_cell.angle_gamma   90.00
#
_symmetry.space_group_name_H-M   'P 41 21 2'
#
loop_
_entity.id
_entity.type
_entity.pdbx_description
1 polymer 'Glycosyl hydrolase family 2, TIM barrel domain protein'
2 non-polymer 3-carboxy-1-cyclopropyl-6-fluoro-7-(4-beta-D-glucopyranuronosyl-3,4-dihydropyrazin-1(2H)-yl)-4-oxo-1,4-dihydroquinoline
3 non-polymer 'SULFATE ION'
4 water water
#
_entity_poly.entity_id   1
_entity_poly.type   'polypeptide(L)'
_entity_poly.pdbx_seq_one_letter_code
;HHHHHHSSGVDLGTENLYFQSNAMLYPILTQSRMLIDLSGTWRFKLDDGSGFEKKWYEKTLDDAQLMPVPSSYNDIKESA
DLRDHYGWVFYQRDLNIPAYLKTQRIVLRFAAVTHSAKVYVNGTLLCEHKGGFLPFETEIPENLIRDENLLTVAVDNRID
HSTLPVGREDESNVLGGSFFPYTPTKKQNKPNFDFFNYCGITRPVKLYTTPKDAYISDITLTSSLENNTARINYKIDTKG
SAHTAIGVYTKQGVCVAQTENTGTEGSLTIENAVLWEPLKPYLYEVKISFGEDRYTLPYGIRSVAVKGNKFLINNKPFYF
KGYGKHEDTFPAGRGLNMPMNAKDISLMKWQGANSFRTSHYPYSEEMMRLCDEEGIVVIDETTAVGVHLNFGGGAALKDG
KRVNTFDPIEQGGIRTQSHHKEVIKDLIARDKNHACVVMWSIANEADTGSKGAYEYFKPLFDLARELDPQKRPCTLVSLQ
MVNYKEDCTIKLSDVFCLNRYYGWYTCGADLQAAEKMCREELEFWNSLGKPFMYTEYGADTVMGLHDTTDSMFTEEYQVE
YYKTNHKVTDTLDCFIGEQVWNFADFATSQGLIRVQGNKKGLFTRDRKPKLAAHYFKERWSKIPDFGYKK
;
_entity_poly.pdbx_strand_id   A,B
#
# COMPACT_ATOMS: atom_id res chain seq x y z
N ASN A 22 -12.57 -10.75 24.36
CA ASN A 22 -12.72 -11.74 23.30
C ASN A 22 -13.47 -11.29 22.05
N ALA A 23 -14.66 -10.73 22.25
CA ALA A 23 -15.45 -10.17 21.15
C ALA A 23 -14.66 -9.08 20.45
N MET A 24 -14.67 -9.10 19.11
CA MET A 24 -13.78 -8.24 18.36
C MET A 24 -14.54 -7.76 17.12
N LEU A 25 -15.55 -6.90 17.32
CA LEU A 25 -16.22 -6.28 16.18
C LEU A 25 -15.24 -5.44 15.36
N TYR A 26 -15.35 -5.54 14.03
CA TYR A 26 -14.49 -4.74 13.17
C TYR A 26 -14.79 -3.26 13.39
N PRO A 27 -13.79 -2.43 13.64
CA PRO A 27 -14.04 -1.01 13.92
C PRO A 27 -14.49 -0.23 12.68
N ILE A 28 -15.60 0.50 12.83
CA ILE A 28 -16.19 1.28 11.76
C ILE A 28 -16.64 2.64 12.29
N LEU A 29 -16.71 3.59 11.37
CA LEU A 29 -17.20 4.92 11.66
C LEU A 29 -18.73 4.86 11.69
N THR A 30 -19.35 5.15 12.83
CA THR A 30 -20.81 5.19 12.96
C THR A 30 -21.24 6.48 13.62
N GLN A 31 -22.55 6.63 13.75
CA GLN A 31 -23.14 7.83 14.34
C GLN A 31 -22.75 7.95 15.82
N SER A 32 -22.33 6.85 16.43
CA SER A 32 -21.96 6.83 17.83
C SER A 32 -20.50 6.49 18.06
N ARG A 33 -19.70 6.31 17.01
CA ARG A 33 -18.36 5.74 17.15
C ARG A 33 -17.37 6.50 16.27
N MET A 34 -16.38 7.12 16.90
CA MET A 34 -15.27 7.71 16.17
C MET A 34 -14.35 6.59 15.68
N LEU A 35 -13.64 6.83 14.57
CA LEU A 35 -12.60 5.91 14.09
C LEU A 35 -11.40 6.73 13.62
N ILE A 36 -10.30 6.65 14.36
CA ILE A 36 -9.09 7.41 14.07
C ILE A 36 -7.98 6.44 13.69
N ASP A 37 -7.53 6.50 12.44
CA ASP A 37 -6.47 5.61 12.01
C ASP A 37 -5.13 6.21 12.45
N LEU A 38 -4.32 5.42 13.17
CA LEU A 38 -3.01 5.86 13.66
C LEU A 38 -1.86 5.38 12.77
N SER A 39 -2.17 4.89 11.58
CA SER A 39 -1.17 4.47 10.63
C SER A 39 -0.41 5.66 10.07
N GLY A 40 0.81 5.39 9.64
CA GLY A 40 1.70 6.40 9.07
C GLY A 40 3.15 6.07 9.40
N THR A 41 3.96 7.12 9.47
CA THR A 41 5.36 7.00 9.82
C THR A 41 5.52 7.05 11.34
N TRP A 42 6.03 5.97 11.92
CA TRP A 42 6.34 5.91 13.34
C TRP A 42 7.85 5.88 13.50
N ARG A 43 8.31 6.22 14.71
CA ARG A 43 9.71 6.04 15.06
C ARG A 43 9.94 4.58 15.43
N PHE A 44 11.17 4.11 15.22
CA PHE A 44 11.46 2.68 15.26
C PHE A 44 12.88 2.50 15.76
N LYS A 45 13.08 1.58 16.70
CA LYS A 45 14.40 1.36 17.26
C LYS A 45 14.58 -0.11 17.58
N LEU A 46 15.68 -0.68 17.09
CA LEU A 46 16.00 -2.06 17.43
C LEU A 46 16.40 -2.14 18.90
N ASP A 47 15.92 -3.17 19.57
CA ASP A 47 16.38 -3.40 20.93
C ASP A 47 17.79 -3.99 20.88
N ASP A 48 18.63 -3.62 21.86
CA ASP A 48 19.98 -4.16 21.97
C ASP A 48 20.17 -4.98 23.24
N GLY A 49 19.10 -5.45 23.84
CA GLY A 49 19.15 -6.14 25.10
C GLY A 49 18.84 -5.28 26.32
N SER A 50 18.96 -3.95 26.20
CA SER A 50 18.81 -3.04 27.32
C SER A 50 17.53 -2.20 27.23
N GLY A 51 16.66 -2.48 26.26
CA GLY A 51 15.55 -1.59 25.98
C GLY A 51 14.53 -1.51 27.12
N PHE A 52 14.23 -2.65 27.73
CA PHE A 52 13.32 -2.61 28.86
C PHE A 52 14.03 -2.16 30.13
N GLU A 53 15.24 -2.69 30.38
CA GLU A 53 16.03 -2.26 31.54
C GLU A 53 16.12 -0.73 31.60
N LYS A 54 16.47 -0.10 30.49
CA LYS A 54 16.59 1.37 30.41
C LYS A 54 15.23 2.07 30.20
N LYS A 55 14.12 1.33 30.21
CA LYS A 55 12.77 1.89 30.11
C LYS A 55 12.66 2.89 28.95
N TRP A 56 12.95 2.41 27.73
CA TRP A 56 12.86 3.27 26.54
C TRP A 56 11.44 3.77 26.32
N TYR A 57 10.43 3.04 26.79
CA TYR A 57 9.06 3.44 26.54
C TYR A 57 8.63 4.66 27.32
N GLU A 58 9.49 5.20 28.19
CA GLU A 58 9.13 6.35 29.01
C GLU A 58 9.55 7.67 28.40
N LYS A 59 10.29 7.68 27.30
CA LYS A 59 10.65 8.91 26.62
C LYS A 59 10.53 8.68 25.14
N THR A 60 10.67 9.77 24.37
CA THR A 60 10.92 9.62 22.95
C THR A 60 12.06 8.64 22.72
N LEU A 61 11.91 7.82 21.67
CA LEU A 61 13.02 6.99 21.22
C LEU A 61 14.12 7.91 20.72
N ASP A 62 15.32 7.73 21.26
CA ASP A 62 16.50 8.47 20.80
C ASP A 62 17.29 7.63 19.79
N ASP A 63 17.88 8.32 18.81
CA ASP A 63 18.69 7.67 17.78
C ASP A 63 17.90 6.56 17.08
N ALA A 64 16.77 6.97 16.52
CA ALA A 64 15.80 6.03 15.97
C ALA A 64 15.70 6.21 14.46
N GLN A 65 15.09 5.21 13.80
CA GLN A 65 14.75 5.27 12.39
C GLN A 65 13.26 5.61 12.27
N LEU A 66 12.75 5.58 11.04
CA LEU A 66 11.34 5.78 10.75
C LEU A 66 10.83 4.56 10.00
N MET A 67 9.61 4.12 10.29
CA MET A 67 9.20 2.83 9.77
C MET A 67 7.75 3.08 9.36
N PRO A 68 7.30 2.62 8.20
CA PRO A 68 5.87 2.75 7.88
C PRO A 68 5.02 1.79 8.71
N VAL A 69 3.84 2.25 9.11
CA VAL A 69 2.87 1.43 9.84
C VAL A 69 1.54 1.56 9.09
N PRO A 70 0.85 0.47 8.74
CA PRO A 70 1.19 -0.94 8.94
C PRO A 70 2.24 -1.44 7.94
N SER A 71 3.10 -2.37 8.36
CA SER A 71 4.08 -3.00 7.49
C SER A 71 4.87 -4.02 8.31
N SER A 72 5.42 -5.02 7.64
CA SER A 72 6.51 -5.75 8.26
C SER A 72 7.76 -4.87 8.17
N TYR A 73 8.63 -4.96 9.16
CA TYR A 73 9.78 -4.07 9.12
C TYR A 73 10.98 -4.65 8.38
N ASN A 74 10.99 -5.96 8.09
CA ASN A 74 12.23 -6.65 7.71
C ASN A 74 12.81 -6.20 6.36
N ASP A 75 11.97 -5.86 5.38
CA ASP A 75 12.42 -5.55 4.03
C ASP A 75 12.36 -4.06 3.67
N ILE A 76 12.03 -3.17 4.61
CA ILE A 76 11.85 -1.76 4.24
C ILE A 76 13.20 -1.11 3.96
N LYS A 77 14.21 -1.47 4.75
CA LYS A 77 15.56 -0.96 4.59
C LYS A 77 16.39 -1.94 3.77
N GLU A 78 17.71 -1.69 3.67
CA GLU A 78 18.64 -2.60 3.02
C GLU A 78 19.58 -3.29 4.01
N SER A 79 19.20 -3.36 5.28
CA SER A 79 20.06 -3.87 6.34
C SER A 79 19.78 -5.34 6.61
N ALA A 80 20.79 -6.20 6.38
CA ALA A 80 20.62 -7.60 6.75
C ALA A 80 20.39 -7.78 8.26
N ASP A 81 21.00 -6.94 9.08
CA ASP A 81 20.84 -7.08 10.53
C ASP A 81 19.43 -6.69 10.95
N LEU A 82 18.83 -5.73 10.26
N LEU A 82 18.81 -5.76 10.23
CA LEU A 82 17.42 -5.44 10.51
CA LEU A 82 17.42 -5.43 10.50
C LEU A 82 16.54 -6.61 10.04
C LEU A 82 16.49 -6.53 9.99
N ARG A 83 16.75 -7.04 8.80
CA ARG A 83 15.94 -8.13 8.25
C ARG A 83 15.99 -9.35 9.15
N ASP A 84 17.18 -9.70 9.62
CA ASP A 84 17.41 -10.90 10.39
C ASP A 84 17.51 -10.64 11.89
N HIS A 85 17.00 -9.50 12.35
CA HIS A 85 17.04 -9.16 13.77
C HIS A 85 16.41 -10.26 14.62
N TYR A 86 16.98 -10.48 15.80
CA TYR A 86 16.47 -11.43 16.76
C TYR A 86 16.03 -10.67 18.01
N GLY A 87 14.76 -10.81 18.38
CA GLY A 87 14.29 -10.22 19.62
C GLY A 87 13.30 -9.07 19.44
N TRP A 88 13.47 -8.02 20.23
CA TRP A 88 12.47 -6.95 20.33
C TRP A 88 12.84 -5.76 19.44
N VAL A 89 11.81 -5.02 19.06
CA VAL A 89 11.96 -3.68 18.48
C VAL A 89 10.92 -2.80 19.16
N PHE A 90 11.14 -1.48 19.09
CA PHE A 90 10.25 -0.50 19.69
C PHE A 90 9.73 0.45 18.63
N TYR A 91 8.41 0.51 18.47
CA TYR A 91 7.74 1.50 17.66
C TYR A 91 7.20 2.59 18.58
N GLN A 92 7.12 3.81 18.06
CA GLN A 92 6.58 4.86 18.91
C GLN A 92 6.03 6.00 18.05
N ARG A 93 4.94 6.61 18.52
CA ARG A 93 4.43 7.82 17.87
C ARG A 93 3.78 8.72 18.91
N ASP A 94 3.61 9.98 18.55
CA ASP A 94 2.84 10.92 19.38
C ASP A 94 1.35 10.70 19.14
N LEU A 95 0.56 11.04 20.16
CA LEU A 95 -0.88 10.75 20.15
C LEU A 95 -1.57 11.91 20.88
N ASN A 96 -1.76 13.01 20.17
CA ASN A 96 -2.32 14.24 20.73
C ASN A 96 -3.77 14.34 20.28
N ILE A 97 -4.71 14.02 21.17
CA ILE A 97 -6.10 13.86 20.82
C ILE A 97 -6.99 14.90 21.51
N PRO A 98 -8.14 15.26 20.93
CA PRO A 98 -9.02 16.24 21.58
C PRO A 98 -9.52 15.72 22.91
N ALA A 99 -9.58 16.62 23.90
CA ALA A 99 -10.01 16.24 25.24
C ALA A 99 -11.47 15.81 25.27
N TYR A 100 -12.30 16.36 24.37
CA TYR A 100 -13.71 15.99 24.39
C TYR A 100 -13.92 14.51 24.06
N LEU A 101 -12.88 13.84 23.51
CA LEU A 101 -12.94 12.38 23.41
C LEU A 101 -13.15 11.73 24.76
N LYS A 102 -12.68 12.35 25.85
CA LYS A 102 -12.78 11.69 27.15
C LYS A 102 -14.22 11.53 27.62
N THR A 103 -15.18 12.24 27.01
CA THR A 103 -16.59 11.97 27.28
C THR A 103 -17.05 10.63 26.71
N GLN A 104 -16.26 10.00 25.85
CA GLN A 104 -16.56 8.69 25.29
C GLN A 104 -15.67 7.64 25.92
N ARG A 105 -15.98 6.39 25.62
CA ARG A 105 -15.07 5.29 25.92
C ARG A 105 -14.02 5.22 24.82
N ILE A 106 -12.73 5.33 25.18
CA ILE A 106 -11.61 5.45 24.23
C ILE A 106 -10.95 4.07 24.11
N VAL A 107 -10.86 3.52 22.90
CA VAL A 107 -10.28 2.19 22.71
C VAL A 107 -9.16 2.22 21.67
N LEU A 108 -8.04 1.59 22.01
CA LEU A 108 -6.93 1.37 21.10
C LEU A 108 -7.02 -0.04 20.53
N ARG A 109 -7.24 -0.16 19.23
CA ARG A 109 -7.35 -1.45 18.54
C ARG A 109 -6.11 -1.72 17.71
N PHE A 110 -5.45 -2.85 17.98
CA PHE A 110 -4.34 -3.38 17.19
C PHE A 110 -4.85 -4.55 16.35
N ALA A 111 -4.98 -4.35 15.04
CA ALA A 111 -5.49 -5.43 14.21
C ALA A 111 -4.51 -6.60 14.13
N ALA A 112 -3.20 -6.34 14.19
CA ALA A 112 -2.22 -7.41 14.32
C ALA A 112 -0.83 -6.86 14.62
N VAL A 113 -0.16 -7.47 15.59
CA VAL A 113 1.23 -7.13 15.90
C VAL A 113 1.96 -8.46 16.01
N THR A 114 2.93 -8.69 15.13
CA THR A 114 3.58 -9.99 14.97
C THR A 114 4.98 -9.93 15.56
N HIS A 115 5.25 -10.76 16.57
CA HIS A 115 4.43 -11.86 17.08
C HIS A 115 3.76 -11.57 18.41
N SER A 116 4.48 -10.84 19.28
CA SER A 116 4.01 -10.46 20.61
C SER A 116 4.27 -8.99 20.83
N ALA A 117 3.41 -8.37 21.64
CA ALA A 117 3.40 -6.92 21.81
C ALA A 117 3.30 -6.58 23.29
N LYS A 118 3.88 -5.45 23.63
CA LYS A 118 3.63 -4.75 24.88
C LYS A 118 3.27 -3.33 24.48
N VAL A 119 2.15 -2.82 24.98
CA VAL A 119 1.67 -1.51 24.57
C VAL A 119 1.77 -0.57 25.76
N TYR A 120 2.41 0.57 25.54
CA TYR A 120 2.56 1.59 26.58
C TYR A 120 1.94 2.89 26.09
N VAL A 121 1.23 3.57 26.99
CA VAL A 121 0.80 4.94 26.77
C VAL A 121 1.44 5.79 27.87
N ASN A 122 2.22 6.78 27.47
CA ASN A 122 3.06 7.53 28.40
C ASN A 122 3.91 6.50 29.13
N GLY A 123 4.04 6.55 30.43
CA GLY A 123 4.97 5.53 30.91
C GLY A 123 4.40 4.14 31.12
N THR A 124 3.10 3.94 30.86
CA THR A 124 2.28 2.94 31.52
C THR A 124 1.98 1.78 30.58
N LEU A 125 2.31 0.57 31.01
CA LEU A 125 1.95 -0.64 30.27
C LEU A 125 0.44 -0.85 30.30
N LEU A 126 -0.19 -0.77 29.14
CA LEU A 126 -1.64 -0.94 29.03
C LEU A 126 -2.03 -2.39 28.76
N CYS A 127 -1.34 -3.09 27.85
CA CYS A 127 -1.63 -4.50 27.63
C CYS A 127 -0.42 -5.20 27.01
N GLU A 128 -0.49 -6.53 27.03
CA GLU A 128 0.49 -7.43 26.44
C GLU A 128 -0.31 -8.44 25.64
N HIS A 129 0.18 -8.83 24.47
CA HIS A 129 -0.54 -9.79 23.66
C HIS A 129 0.42 -10.81 23.09
N LYS A 130 -0.05 -12.06 22.96
CA LYS A 130 0.68 -13.14 22.32
C LYS A 130 -0.15 -13.69 21.15
N GLY A 131 0.48 -13.86 19.99
CA GLY A 131 -0.18 -14.31 18.80
C GLY A 131 -0.16 -13.22 17.77
N GLY A 132 0.51 -13.45 16.64
CA GLY A 132 0.86 -12.36 15.76
C GLY A 132 -0.13 -12.02 14.66
N PHE A 133 -1.31 -12.64 14.63
CA PHE A 133 -2.16 -12.54 13.45
C PHE A 133 -3.63 -12.28 13.77
N LEU A 134 -3.96 -11.87 14.98
CA LEU A 134 -5.33 -11.69 15.43
C LEU A 134 -5.39 -10.43 16.28
N PRO A 135 -6.51 -9.71 16.24
CA PRO A 135 -6.57 -8.38 16.86
C PRO A 135 -6.61 -8.44 18.39
N PHE A 136 -6.20 -7.33 18.99
CA PHE A 136 -6.37 -7.13 20.42
C PHE A 136 -6.58 -5.66 20.67
N GLU A 137 -7.21 -5.33 21.79
CA GLU A 137 -7.55 -3.95 22.04
C GLU A 137 -7.48 -3.69 23.54
N THR A 138 -7.50 -2.41 23.89
CA THR A 138 -7.42 -2.00 25.29
C THR A 138 -8.04 -0.63 25.44
N GLU A 139 -8.87 -0.45 26.47
CA GLU A 139 -9.33 0.89 26.84
C GLU A 139 -8.14 1.74 27.27
N ILE A 140 -8.19 3.03 26.96
CA ILE A 140 -7.22 3.97 27.51
C ILE A 140 -7.89 4.67 28.68
N PRO A 141 -7.50 4.37 29.93
CA PRO A 141 -8.10 5.07 31.08
C PRO A 141 -7.89 6.57 30.98
N GLU A 142 -8.96 7.33 31.24
CA GLU A 142 -8.91 8.77 30.95
C GLU A 142 -7.97 9.50 31.91
N ASN A 143 -7.77 8.98 33.12
CA ASN A 143 -6.79 9.59 34.03
C ASN A 143 -5.37 9.51 33.48
N LEU A 144 -5.14 8.72 32.43
CA LEU A 144 -3.80 8.56 31.87
C LEU A 144 -3.54 9.57 30.74
N ILE A 145 -4.56 9.97 30.00
CA ILE A 145 -4.42 10.89 28.89
C ILE A 145 -4.03 12.28 29.38
N ARG A 146 -2.77 12.65 29.17
CA ARG A 146 -2.32 14.01 29.41
C ARG A 146 -2.53 14.84 28.14
N ASP A 147 -2.06 16.08 28.17
CA ASP A 147 -2.24 16.98 27.04
C ASP A 147 -1.52 16.47 25.79
N GLU A 148 -0.27 16.03 25.96
CA GLU A 148 0.46 15.35 24.90
C GLU A 148 0.86 13.98 25.39
N ASN A 149 0.73 12.99 24.50
CA ASN A 149 0.87 11.58 24.86
C ASN A 149 1.83 10.88 23.89
N LEU A 150 2.53 9.87 24.41
CA LEU A 150 3.39 8.99 23.61
C LEU A 150 2.83 7.58 23.64
N LEU A 151 2.67 6.99 22.45
CA LEU A 151 2.26 5.61 22.30
C LEU A 151 3.48 4.78 21.88
N THR A 152 3.83 3.80 22.71
CA THR A 152 4.97 2.94 22.43
C THR A 152 4.51 1.50 22.33
N VAL A 153 4.97 0.80 21.29
CA VAL A 153 4.61 -0.59 21.06
C VAL A 153 5.91 -1.37 20.89
N ALA A 154 6.20 -2.26 21.82
CA ALA A 154 7.34 -3.18 21.73
C ALA A 154 6.87 -4.48 21.10
N VAL A 155 7.65 -4.99 20.14
CA VAL A 155 7.25 -6.11 19.31
C VAL A 155 8.35 -7.15 19.35
N ASP A 156 7.97 -8.38 19.70
CA ASP A 156 8.89 -9.49 19.85
C ASP A 156 8.72 -10.42 18.65
N ASN A 157 9.83 -10.81 18.02
CA ASN A 157 9.74 -11.64 16.82
C ASN A 157 10.15 -13.09 17.07
N ARG A 158 10.41 -13.47 18.32
CA ARG A 158 11.03 -14.75 18.62
C ARG A 158 10.03 -15.90 18.58
N ILE A 159 10.46 -17.05 18.06
CA ILE A 159 9.57 -18.19 17.92
C ILE A 159 10.27 -19.40 18.53
N ASP A 160 9.47 -20.30 19.11
CA ASP A 160 10.00 -21.49 19.76
C ASP A 160 8.91 -22.56 19.80
N HIS A 161 9.09 -23.56 20.68
CA HIS A 161 8.16 -24.68 20.79
C HIS A 161 6.86 -24.31 21.49
N SER A 162 6.73 -23.05 21.91
CA SER A 162 5.53 -22.58 22.59
C SER A 162 4.74 -21.54 21.79
N THR A 163 5.27 -21.07 20.68
CA THR A 163 4.59 -20.10 19.84
C THR A 163 3.89 -20.79 18.68
N LEU A 164 2.87 -20.11 18.15
CA LEU A 164 2.28 -20.48 16.87
C LEU A 164 2.43 -19.27 15.96
N PRO A 165 3.16 -19.38 14.87
CA PRO A 165 3.83 -20.59 14.33
C PRO A 165 5.05 -21.00 15.15
N VAL A 166 5.45 -22.27 14.99
CA VAL A 166 6.49 -22.90 15.80
C VAL A 166 7.87 -22.56 15.27
N GLY A 167 8.80 -22.22 16.17
CA GLY A 167 10.20 -22.06 15.82
C GLY A 167 11.01 -23.23 16.36
N ARG A 168 12.06 -23.60 15.65
CA ARG A 168 12.95 -24.67 16.09
C ARG A 168 13.87 -24.14 17.18
N GLU A 169 14.25 -25.03 18.12
CA GLU A 169 15.07 -24.63 19.26
C GLU A 169 16.44 -25.29 19.24
N ASP A 170 16.92 -25.65 18.04
CA ASP A 170 18.31 -25.99 17.83
C ASP A 170 18.88 -25.11 16.72
N GLU A 171 20.02 -25.45 16.12
CA GLU A 171 20.49 -24.52 15.06
C GLU A 171 19.99 -25.04 13.72
N SER A 172 19.01 -25.95 13.75
CA SER A 172 18.57 -26.61 12.49
C SER A 172 17.75 -25.71 11.57
N ASN A 173 17.97 -25.84 10.27
CA ASN A 173 17.13 -25.13 9.28
C ASN A 173 16.13 -26.16 8.74
N VAL A 174 14.88 -25.73 8.51
CA VAL A 174 13.82 -26.64 7.99
C VAL A 174 14.16 -27.02 6.54
N LEU A 175 14.70 -26.07 5.77
CA LEU A 175 15.11 -26.33 4.37
C LEU A 175 16.28 -27.32 4.33
N SER A 178 24.53 -26.62 5.52
CA SER A 178 24.18 -27.78 6.34
C SER A 178 25.07 -28.95 5.95
N PHE A 179 25.47 -28.98 4.67
CA PHE A 179 26.39 -30.01 4.19
C PHE A 179 27.57 -30.17 5.14
N PHE A 180 28.22 -29.06 5.49
CA PHE A 180 29.25 -28.98 6.50
C PHE A 180 28.76 -28.07 7.62
N PRO A 181 28.98 -28.43 8.88
CA PRO A 181 28.43 -27.64 9.98
C PRO A 181 29.25 -26.39 10.27
N TYR A 182 28.55 -25.35 10.71
CA TYR A 182 29.18 -24.06 10.98
C TYR A 182 28.47 -23.41 12.15
N THR A 183 29.17 -22.45 12.77
CA THR A 183 28.63 -21.68 13.89
C THR A 183 28.07 -20.37 13.37
N PRO A 184 26.79 -20.06 13.58
CA PRO A 184 26.25 -18.80 13.06
C PRO A 184 26.93 -17.61 13.72
N THR A 185 26.99 -16.50 12.97
CA THR A 185 27.58 -15.29 13.53
C THR A 185 26.75 -14.77 14.69
N LYS A 186 25.44 -14.71 14.53
CA LYS A 186 24.49 -14.22 15.52
C LYS A 186 23.38 -15.25 15.66
N LYS A 187 22.68 -15.22 16.78
CA LYS A 187 21.50 -16.04 16.96
C LYS A 187 20.38 -15.49 16.08
N GLN A 188 19.60 -16.40 15.49
CA GLN A 188 18.51 -16.06 14.60
C GLN A 188 17.34 -16.99 14.87
N ASN A 189 16.13 -16.51 14.59
CA ASN A 189 14.96 -17.37 14.59
C ASN A 189 15.11 -18.44 13.54
N LYS A 190 14.69 -19.66 13.87
CA LYS A 190 14.75 -20.82 12.97
C LYS A 190 13.32 -21.30 12.75
N PRO A 191 12.62 -20.80 11.75
CA PRO A 191 11.22 -21.18 11.57
C PRO A 191 11.08 -22.67 11.32
N ASN A 192 10.04 -23.26 11.92
CA ASN A 192 9.63 -24.61 11.56
C ASN A 192 8.54 -24.58 10.52
N PHE A 193 8.69 -23.71 9.53
CA PHE A 193 7.66 -23.51 8.53
C PHE A 193 8.32 -22.86 7.32
N ASP A 194 7.68 -23.00 6.17
CA ASP A 194 8.28 -22.58 4.90
C ASP A 194 7.81 -21.18 4.50
N PHE A 195 7.96 -20.19 5.38
CA PHE A 195 7.75 -18.82 4.97
C PHE A 195 8.55 -17.88 5.88
N PHE A 196 8.95 -16.75 5.31
CA PHE A 196 9.82 -15.83 6.03
C PHE A 196 9.10 -15.22 7.24
N ASN A 197 9.84 -15.12 8.35
CA ASN A 197 9.32 -14.66 9.65
C ASN A 197 9.15 -13.14 9.70
N TYR A 198 8.29 -12.61 8.83
CA TYR A 198 8.02 -11.18 8.81
C TYR A 198 7.36 -10.72 10.10
N CYS A 199 7.86 -9.65 10.70
CA CYS A 199 7.32 -9.20 11.98
C CYS A 199 7.18 -7.69 11.97
N GLY A 200 6.49 -7.18 12.97
CA GLY A 200 6.25 -5.75 13.11
C GLY A 200 4.78 -5.46 13.33
N ILE A 201 4.41 -4.19 13.17
CA ILE A 201 3.00 -3.81 13.25
C ILE A 201 2.35 -4.07 11.90
N THR A 202 1.92 -5.32 11.73
CA THR A 202 1.53 -5.87 10.44
C THR A 202 0.28 -5.23 9.87
N ARG A 203 -0.65 -4.85 10.73
CA ARG A 203 -1.96 -4.41 10.29
C ARG A 203 -2.32 -3.13 11.05
N PRO A 204 -3.35 -2.40 10.64
CA PRO A 204 -3.51 -1.03 11.15
C PRO A 204 -3.71 -0.97 12.67
N VAL A 205 -3.24 0.15 13.23
CA VAL A 205 -3.51 0.53 14.61
C VAL A 205 -4.52 1.68 14.57
N LYS A 206 -5.62 1.54 15.31
CA LYS A 206 -6.67 2.53 15.27
C LYS A 206 -7.18 2.85 16.67
N LEU A 207 -7.57 4.12 16.83
CA LEU A 207 -8.27 4.59 18.00
C LEU A 207 -9.75 4.74 17.63
N TYR A 208 -10.64 4.18 18.46
CA TYR A 208 -12.05 4.32 18.22
C TYR A 208 -12.76 4.60 19.54
N THR A 209 -14.02 5.03 19.45
CA THR A 209 -14.78 5.34 20.64
C THR A 209 -16.15 4.70 20.57
N THR A 210 -16.75 4.49 21.74
CA THR A 210 -18.15 4.10 21.84
C THR A 210 -18.78 4.95 22.94
N PRO A 211 -20.11 4.93 23.11
CA PRO A 211 -20.68 5.52 24.32
C PRO A 211 -20.12 4.84 25.56
N LYS A 212 -19.86 5.64 26.59
CA LYS A 212 -19.30 5.12 27.83
C LYS A 212 -20.23 4.12 28.50
N ASP A 213 -21.53 4.41 28.51
CA ASP A 213 -22.41 3.81 29.50
C ASP A 213 -23.26 2.67 28.95
N ALA A 214 -23.50 2.64 27.65
CA ALA A 214 -24.24 1.55 27.03
C ALA A 214 -23.70 1.39 25.63
N TYR A 215 -23.14 0.21 25.33
CA TYR A 215 -22.58 0.02 24.01
C TYR A 215 -22.65 -1.45 23.62
N ILE A 216 -22.58 -1.69 22.32
CA ILE A 216 -22.63 -3.04 21.75
C ILE A 216 -21.25 -3.66 21.83
N SER A 217 -21.14 -4.83 22.45
CA SER A 217 -19.85 -5.51 22.50
C SER A 217 -19.70 -6.61 21.46
N ASP A 218 -20.78 -7.30 21.09
CA ASP A 218 -20.62 -8.30 20.04
C ASP A 218 -21.98 -8.52 19.38
N ILE A 219 -21.93 -9.05 18.16
CA ILE A 219 -23.10 -9.41 17.38
C ILE A 219 -22.86 -10.79 16.80
N THR A 220 -23.84 -11.68 16.94
CA THR A 220 -23.82 -13.01 16.36
C THR A 220 -25.06 -13.19 15.49
N LEU A 221 -24.84 -13.57 14.24
CA LEU A 221 -25.91 -13.79 13.28
C LEU A 221 -25.76 -15.17 12.67
N THR A 222 -26.88 -15.89 12.57
CA THR A 222 -26.94 -17.17 11.88
C THR A 222 -28.17 -17.16 10.98
N SER A 223 -28.22 -18.09 10.03
CA SER A 223 -29.25 -18.16 9.01
C SER A 223 -30.02 -19.47 9.11
N SER A 224 -31.33 -19.41 8.87
CA SER A 224 -32.18 -20.59 8.82
C SER A 224 -32.98 -20.55 7.54
N LEU A 225 -32.81 -21.58 6.71
CA LEU A 225 -33.40 -21.62 5.38
C LEU A 225 -34.51 -22.66 5.26
N GLU A 226 -34.85 -23.34 6.36
CA GLU A 226 -35.84 -24.42 6.36
C GLU A 226 -37.25 -23.91 6.06
N ASN A 227 -38.06 -24.78 5.46
CA ASN A 227 -39.47 -24.50 5.17
C ASN A 227 -39.63 -23.37 4.15
N ASN A 228 -38.64 -23.17 3.28
CA ASN A 228 -38.69 -22.14 2.22
C ASN A 228 -38.83 -20.73 2.82
N THR A 229 -38.33 -20.53 4.05
CA THR A 229 -38.41 -19.27 4.77
C THR A 229 -37.01 -18.93 5.25
N ALA A 230 -36.43 -17.85 4.72
CA ALA A 230 -35.10 -17.42 5.17
C ALA A 230 -35.25 -16.52 6.39
N ARG A 231 -34.53 -16.84 7.46
CA ARG A 231 -34.55 -16.04 8.68
C ARG A 231 -33.13 -15.76 9.17
N ILE A 232 -32.94 -14.58 9.74
CA ILE A 232 -31.71 -14.25 10.44
C ILE A 232 -31.99 -14.38 11.93
N ASN A 233 -31.19 -15.18 12.61
CA ASN A 233 -31.18 -15.26 14.06
C ASN A 233 -30.07 -14.38 14.59
N TYR A 234 -30.40 -13.48 15.53
CA TYR A 234 -29.41 -12.57 16.09
C TYR A 234 -29.25 -12.82 17.57
N LYS A 235 -28.07 -12.45 18.08
CA LYS A 235 -27.81 -12.42 19.51
C LYS A 235 -26.88 -11.25 19.75
N ILE A 236 -27.32 -10.26 20.51
CA ILE A 236 -26.62 -8.99 20.65
C ILE A 236 -26.07 -8.87 22.06
N ASP A 237 -24.75 -8.81 22.18
CA ASP A 237 -24.07 -8.73 23.47
C ASP A 237 -23.76 -7.28 23.77
N THR A 238 -24.17 -6.83 24.96
CA THR A 238 -24.08 -5.43 25.33
C THR A 238 -23.40 -5.28 26.69
N LYS A 239 -22.97 -4.05 26.96
CA LYS A 239 -22.60 -3.59 28.30
C LYS A 239 -23.49 -2.42 28.67
N GLY A 240 -24.00 -2.43 29.89
CA GLY A 240 -24.92 -1.38 30.33
C GLY A 240 -26.37 -1.70 30.03
N SER A 241 -27.23 -0.74 30.37
CA SER A 241 -28.67 -0.91 30.37
C SER A 241 -29.31 0.06 29.39
N ALA A 242 -30.02 -0.47 28.40
CA ALA A 242 -30.66 0.33 27.37
C ALA A 242 -31.59 -0.56 26.55
N HIS A 243 -32.17 -0.01 25.49
CA HIS A 243 -33.08 -0.73 24.64
C HIS A 243 -32.38 -1.09 23.34
N THR A 244 -32.74 -2.25 22.79
CA THR A 244 -32.11 -2.82 21.61
C THR A 244 -33.06 -2.79 20.41
N ALA A 245 -32.52 -2.50 19.22
CA ALA A 245 -33.27 -2.60 17.99
C ALA A 245 -32.37 -3.15 16.90
N ILE A 246 -32.97 -3.80 15.90
CA ILE A 246 -32.25 -4.39 14.79
C ILE A 246 -33.07 -4.20 13.51
N GLY A 247 -32.43 -3.75 12.45
CA GLY A 247 -33.05 -3.68 11.15
C GLY A 247 -32.14 -4.28 10.11
N VAL A 248 -32.77 -4.88 9.09
CA VAL A 248 -32.07 -5.51 7.99
C VAL A 248 -32.43 -4.77 6.71
N TYR A 249 -31.43 -4.38 5.94
CA TYR A 249 -31.61 -3.50 4.79
C TYR A 249 -30.95 -4.10 3.55
N THR A 250 -31.61 -3.92 2.41
CA THR A 250 -31.01 -4.35 1.15
C THR A 250 -29.87 -3.41 0.78
N LYS A 251 -29.15 -3.78 -0.28
CA LYS A 251 -28.01 -2.99 -0.74
C LYS A 251 -28.44 -1.59 -1.15
N GLN A 252 -29.62 -1.46 -1.75
CA GLN A 252 -30.20 -0.16 -2.08
C GLN A 252 -30.79 0.59 -0.89
N GLY A 253 -30.91 -0.03 0.27
CA GLY A 253 -31.35 0.69 1.46
C GLY A 253 -32.78 0.49 1.85
N VAL A 254 -33.49 -0.44 1.21
CA VAL A 254 -34.86 -0.76 1.58
C VAL A 254 -34.85 -1.62 2.84
N CYS A 255 -35.60 -1.20 3.84
CA CYS A 255 -35.71 -2.01 5.06
C CYS A 255 -36.60 -3.21 4.77
N VAL A 256 -36.09 -4.42 5.00
CA VAL A 256 -36.87 -5.63 4.75
C VAL A 256 -37.23 -6.38 6.03
N ALA A 257 -36.75 -5.94 7.18
CA ALA A 257 -37.18 -6.48 8.45
C ALA A 257 -36.61 -5.58 9.52
N GLN A 258 -37.38 -5.41 10.60
CA GLN A 258 -36.93 -4.53 11.67
C GLN A 258 -37.80 -4.76 12.89
N THR A 259 -37.20 -4.58 14.06
CA THR A 259 -37.95 -4.64 15.30
C THR A 259 -37.23 -3.77 16.34
N GLU A 260 -38.02 -3.06 17.14
CA GLU A 260 -37.57 -2.17 18.19
C GLU A 260 -37.83 -2.79 19.56
N ASN A 261 -37.13 -2.30 20.57
CA ASN A 261 -37.26 -2.76 21.95
C ASN A 261 -37.27 -4.27 22.02
N THR A 262 -36.27 -4.88 21.40
CA THR A 262 -36.18 -6.32 21.23
C THR A 262 -35.42 -6.91 22.41
N GLY A 263 -35.37 -8.24 22.44
CA GLY A 263 -34.54 -8.93 23.40
C GLY A 263 -33.12 -9.02 22.89
N THR A 264 -32.29 -9.72 23.66
CA THR A 264 -30.92 -9.92 23.23
C THR A 264 -30.85 -10.92 22.08
N GLU A 265 -31.80 -11.85 22.02
CA GLU A 265 -31.87 -12.87 21.01
C GLU A 265 -33.25 -12.83 20.37
N GLY A 266 -33.34 -13.34 19.15
CA GLY A 266 -34.58 -13.30 18.41
C GLY A 266 -34.32 -13.72 16.98
N SER A 267 -35.36 -13.60 16.14
CA SER A 267 -35.20 -13.94 14.74
C SER A 267 -36.04 -12.99 13.90
N LEU A 268 -35.60 -12.80 12.65
CA LEU A 268 -36.29 -11.96 11.68
C LEU A 268 -36.44 -12.72 10.37
N THR A 269 -37.65 -12.75 9.83
CA THR A 269 -37.90 -13.35 8.53
C THR A 269 -37.53 -12.38 7.42
N ILE A 270 -36.77 -12.87 6.43
CA ILE A 270 -36.39 -12.05 5.28
C ILE A 270 -37.19 -12.54 4.08
N GLU A 271 -38.29 -11.86 3.77
CA GLU A 271 -39.00 -12.21 2.54
C GLU A 271 -38.18 -11.78 1.32
N ASN A 272 -38.35 -12.53 0.23
CA ASN A 272 -37.59 -12.27 -1.00
C ASN A 272 -36.08 -12.36 -0.78
N ALA A 273 -35.63 -13.24 0.12
CA ALA A 273 -34.22 -13.27 0.47
C ALA A 273 -33.37 -13.70 -0.72
N VAL A 274 -32.31 -12.95 -0.97
CA VAL A 274 -31.30 -13.31 -1.96
C VAL A 274 -30.13 -13.94 -1.23
N LEU A 275 -29.74 -15.14 -1.65
CA LEU A 275 -28.69 -15.90 -0.98
C LEU A 275 -27.32 -15.42 -1.43
N TRP A 276 -26.39 -15.37 -0.50
CA TRP A 276 -24.99 -15.21 -0.85
C TRP A 276 -24.50 -16.48 -1.54
N GLU A 277 -23.97 -16.36 -2.76
CA GLU A 277 -23.43 -17.51 -3.46
C GLU A 277 -22.00 -17.26 -3.90
N PRO A 278 -21.18 -18.32 -3.95
CA PRO A 278 -19.84 -18.17 -4.54
C PRO A 278 -19.93 -17.48 -5.90
N LEU A 279 -19.08 -16.47 -6.06
CA LEU A 279 -18.93 -15.59 -7.22
C LEU A 279 -20.21 -14.81 -7.54
N LYS A 280 -21.24 -14.91 -6.69
CA LYS A 280 -22.45 -14.08 -6.79
C LYS A 280 -22.82 -13.62 -5.39
N PRO A 281 -22.05 -12.71 -4.82
CA PRO A 281 -22.30 -12.28 -3.44
C PRO A 281 -23.57 -11.44 -3.35
N TYR A 282 -24.25 -11.57 -2.21
CA TYR A 282 -25.25 -10.60 -1.80
C TYR A 282 -25.09 -10.37 -0.31
N LEU A 283 -24.96 -9.12 0.09
CA LEU A 283 -24.79 -8.76 1.49
C LEU A 283 -25.94 -7.86 1.89
N TYR A 284 -26.71 -8.28 2.89
CA TYR A 284 -27.60 -7.35 3.56
C TYR A 284 -26.81 -6.48 4.53
N GLU A 285 -27.36 -5.32 4.86
CA GLU A 285 -26.81 -4.50 5.94
C GLU A 285 -27.67 -4.66 7.18
N VAL A 286 -27.06 -5.10 8.28
CA VAL A 286 -27.78 -5.35 9.53
C VAL A 286 -27.38 -4.25 10.50
N LYS A 287 -28.29 -3.30 10.73
CA LYS A 287 -28.02 -2.20 11.64
C LYS A 287 -28.59 -2.45 13.02
N ILE A 288 -27.75 -2.24 14.01
CA ILE A 288 -28.07 -2.55 15.39
C ILE A 288 -27.97 -1.27 16.21
N SER A 289 -28.95 -1.06 17.07
CA SER A 289 -28.95 0.06 17.98
CA SER A 289 -29.02 0.07 17.98
C SER A 289 -29.07 -0.45 19.41
N PHE A 290 -28.38 0.25 20.30
CA PHE A 290 -28.44 -0.07 21.72
C PHE A 290 -28.14 1.23 22.43
N GLY A 291 -29.16 1.79 23.10
CA GLY A 291 -29.02 3.15 23.63
C GLY A 291 -28.67 4.11 22.51
N GLU A 292 -27.59 4.87 22.70
CA GLU A 292 -27.07 5.75 21.65
C GLU A 292 -26.18 5.02 20.66
N ASP A 293 -25.74 3.81 20.97
CA ASP A 293 -24.76 3.14 20.14
C ASP A 293 -25.42 2.61 18.86
N ARG A 294 -24.67 2.67 17.75
CA ARG A 294 -25.11 2.26 16.42
C ARG A 294 -23.99 1.48 15.77
N TYR A 295 -24.29 0.28 15.26
CA TYR A 295 -23.28 -0.53 14.60
C TYR A 295 -23.93 -1.23 13.42
N THR A 296 -23.27 -1.20 12.26
CA THR A 296 -23.81 -1.81 11.05
C THR A 296 -22.89 -2.92 10.60
N LEU A 297 -23.45 -4.10 10.37
CA LEU A 297 -22.68 -5.30 10.05
C LEU A 297 -23.16 -5.85 8.71
N PRO A 298 -22.30 -5.94 7.68
CA PRO A 298 -22.72 -6.62 6.45
C PRO A 298 -22.89 -8.12 6.70
N TYR A 299 -23.88 -8.73 6.04
CA TYR A 299 -24.20 -10.13 6.32
C TYR A 299 -24.76 -10.81 5.08
N GLY A 300 -24.10 -11.91 4.69
CA GLY A 300 -24.58 -12.75 3.61
C GLY A 300 -25.33 -13.94 4.17
N ILE A 301 -26.50 -14.22 3.59
CA ILE A 301 -27.32 -15.35 4.01
C ILE A 301 -26.96 -16.57 3.15
N ARG A 302 -26.50 -17.64 3.80
CA ARG A 302 -26.17 -18.86 3.08
C ARG A 302 -26.03 -19.99 4.08
N SER A 303 -26.20 -21.22 3.60
CA SER A 303 -26.00 -22.43 4.40
C SER A 303 -24.76 -23.20 3.93
N VAL A 304 -24.11 -23.89 4.87
CA VAL A 304 -22.99 -24.78 4.60
C VAL A 304 -23.24 -26.09 5.32
N ALA A 305 -22.99 -27.22 4.65
CA ALA A 305 -23.10 -28.53 5.29
C ALA A 305 -22.36 -29.59 4.49
N VAL A 306 -21.80 -30.56 5.20
CA VAL A 306 -21.22 -31.77 4.63
C VAL A 306 -22.23 -32.91 4.78
N LYS A 307 -22.62 -33.53 3.66
CA LYS A 307 -23.54 -34.67 3.63
C LYS A 307 -22.93 -35.74 2.72
N GLY A 308 -22.70 -36.92 3.27
CA GLY A 308 -22.05 -37.95 2.47
C GLY A 308 -20.71 -37.46 1.97
N ASN A 309 -20.50 -37.52 0.66
CA ASN A 309 -19.24 -37.08 0.06
C ASN A 309 -19.34 -35.71 -0.61
N LYS A 310 -20.34 -34.91 -0.23
CA LYS A 310 -20.58 -33.62 -0.87
C LYS A 310 -20.39 -32.49 0.12
N PHE A 311 -19.78 -31.40 -0.36
CA PHE A 311 -19.67 -30.14 0.36
C PHE A 311 -20.78 -29.25 -0.16
N LEU A 312 -21.81 -29.00 0.66
CA LEU A 312 -22.99 -28.31 0.19
C LEU A 312 -22.99 -26.85 0.63
N ILE A 313 -23.07 -25.96 -0.34
CA ILE A 313 -23.31 -24.55 -0.09
C ILE A 313 -24.68 -24.24 -0.67
N ASN A 314 -25.58 -23.75 0.18
CA ASN A 314 -26.98 -23.51 -0.21
C ASN A 314 -27.57 -24.77 -0.87
N ASN A 315 -27.29 -25.92 -0.25
CA ASN A 315 -27.81 -27.22 -0.66
C ASN A 315 -27.36 -27.63 -2.05
N LYS A 316 -26.19 -27.17 -2.49
CA LYS A 316 -25.70 -27.55 -3.80
C LYS A 316 -24.25 -28.03 -3.70
N PRO A 317 -23.90 -29.05 -4.50
CA PRO A 317 -22.59 -29.72 -4.36
C PRO A 317 -21.46 -28.89 -4.94
N PHE A 318 -20.65 -28.31 -4.06
CA PHE A 318 -19.60 -27.36 -4.40
C PHE A 318 -18.30 -28.08 -4.79
N TYR A 319 -17.56 -27.49 -5.73
CA TYR A 319 -16.21 -27.93 -6.08
C TYR A 319 -15.26 -26.76 -5.86
N PHE A 320 -14.32 -26.89 -4.91
CA PHE A 320 -13.35 -25.83 -4.67
C PHE A 320 -12.39 -25.70 -5.85
N LYS A 321 -12.16 -24.46 -6.28
CA LYS A 321 -11.17 -24.12 -7.30
C LYS A 321 -10.38 -22.94 -6.81
N GLY A 322 -9.11 -23.14 -6.49
CA GLY A 322 -8.35 -22.00 -6.02
C GLY A 322 -6.96 -22.31 -5.53
N TYR A 323 -6.61 -21.79 -4.33
CA TYR A 323 -5.21 -21.68 -3.97
C TYR A 323 -5.09 -21.70 -2.46
N GLY A 324 -3.95 -22.18 -1.97
CA GLY A 324 -3.40 -21.62 -0.76
C GLY A 324 -2.68 -20.33 -1.12
N LYS A 325 -2.83 -19.32 -0.27
CA LYS A 325 -2.24 -18.01 -0.46
C LYS A 325 -1.22 -17.73 0.64
N HIS A 326 -0.60 -16.57 0.57
CA HIS A 326 0.11 -15.97 1.69
C HIS A 326 -0.23 -14.49 1.65
N GLU A 327 -0.20 -13.84 2.80
CA GLU A 327 -0.14 -12.38 2.81
C GLU A 327 1.32 -12.00 2.61
N ASP A 328 1.67 -11.61 1.40
CA ASP A 328 3.07 -11.41 1.06
C ASP A 328 3.15 -10.51 -0.17
N THR A 329 3.72 -9.33 0.00
CA THR A 329 3.95 -8.39 -1.09
C THR A 329 5.25 -7.66 -0.77
N PHE A 330 5.88 -7.12 -1.81
CA PHE A 330 7.07 -6.30 -1.65
C PHE A 330 6.72 -4.83 -1.66
N PRO A 331 7.27 -4.00 -0.75
CA PRO A 331 8.23 -4.30 0.29
C PRO A 331 7.62 -4.52 1.67
N ALA A 332 6.29 -4.45 1.85
CA ALA A 332 5.69 -4.49 3.17
C ALA A 332 5.70 -5.88 3.79
N GLY A 333 6.06 -6.93 3.05
CA GLY A 333 6.11 -8.24 3.64
C GLY A 333 4.71 -8.77 3.93
N ARG A 334 4.42 -9.05 5.18
CA ARG A 334 3.10 -9.50 5.62
C ARG A 334 2.09 -8.36 5.75
N GLY A 335 2.53 -7.11 5.56
CA GLY A 335 1.72 -5.96 5.87
C GLY A 335 0.49 -5.82 4.97
N LEU A 336 -0.57 -5.27 5.57
CA LEU A 336 -1.82 -5.00 4.87
C LEU A 336 -1.56 -4.15 3.62
N ASN A 337 -1.96 -4.67 2.47
CA ASN A 337 -1.76 -4.01 1.18
C ASN A 337 -3.12 -4.06 0.48
N MET A 338 -3.93 -3.02 0.64
CA MET A 338 -5.29 -3.15 0.12
C MET A 338 -5.38 -3.08 -1.40
N PRO A 339 -4.56 -2.30 -2.11
CA PRO A 339 -4.59 -2.42 -3.58
C PRO A 339 -4.26 -3.82 -4.08
N MET A 340 -3.25 -4.47 -3.49
CA MET A 340 -2.94 -5.86 -3.87
C MET A 340 -4.06 -6.83 -3.52
N ASN A 341 -4.76 -6.62 -2.39
CA ASN A 341 -5.91 -7.46 -2.10
C ASN A 341 -6.91 -7.38 -3.23
N ALA A 342 -7.21 -6.18 -3.68
CA ALA A 342 -8.19 -6.06 -4.75
C ALA A 342 -7.63 -6.66 -6.04
N LYS A 343 -6.35 -6.41 -6.34
CA LYS A 343 -5.75 -7.02 -7.53
C LYS A 343 -5.80 -8.55 -7.44
N ASP A 344 -5.55 -9.11 -6.26
CA ASP A 344 -5.51 -10.57 -6.16
C ASP A 344 -6.90 -11.16 -6.43
N ILE A 345 -7.94 -10.54 -5.86
CA ILE A 345 -9.29 -11.04 -6.13
C ILE A 345 -9.64 -10.91 -7.60
N SER A 346 -9.22 -9.82 -8.23
CA SER A 346 -9.47 -9.68 -9.66
C SER A 346 -8.77 -10.79 -10.47
N LEU A 347 -7.55 -11.15 -10.07
CA LEU A 347 -6.85 -12.23 -10.77
C LEU A 347 -7.54 -13.57 -10.56
N MET A 348 -8.05 -13.81 -9.35
CA MET A 348 -8.73 -15.08 -9.13
C MET A 348 -10.00 -15.17 -9.95
N LYS A 349 -10.73 -14.07 -10.10
CA LYS A 349 -11.92 -14.12 -10.93
C LYS A 349 -11.54 -14.29 -12.40
N TRP A 350 -10.48 -13.61 -12.81
CA TRP A 350 -9.95 -13.78 -14.17
C TRP A 350 -9.57 -15.23 -14.42
N GLN A 351 -8.99 -15.90 -13.43
CA GLN A 351 -8.56 -17.28 -13.62
C GLN A 351 -9.70 -18.28 -13.50
N GLY A 352 -10.88 -17.86 -12.99
CA GLY A 352 -11.98 -18.78 -12.75
C GLY A 352 -11.94 -19.51 -11.42
N ALA A 353 -11.14 -19.04 -10.46
CA ALA A 353 -11.15 -19.62 -9.13
C ALA A 353 -12.38 -19.17 -8.36
N ASN A 354 -12.76 -19.96 -7.33
CA ASN A 354 -13.84 -19.55 -6.45
C ASN A 354 -13.46 -19.49 -4.97
N SER A 355 -12.21 -19.78 -4.60
CA SER A 355 -11.92 -20.00 -3.19
C SER A 355 -10.41 -19.89 -2.94
N PHE A 356 -10.06 -19.68 -1.66
CA PHE A 356 -8.68 -19.86 -1.20
C PHE A 356 -8.67 -20.18 0.30
N ARG A 357 -7.51 -20.62 0.78
CA ARG A 357 -7.29 -20.91 2.19
C ARG A 357 -6.34 -19.88 2.76
N THR A 358 -6.57 -19.46 4.00
CA THR A 358 -5.71 -18.46 4.68
C THR A 358 -4.45 -19.16 5.20
N SER A 359 -3.64 -19.67 4.29
CA SER A 359 -2.36 -20.29 4.67
C SER A 359 -1.40 -19.20 5.15
N HIS A 360 -0.72 -19.39 6.28
CA HIS A 360 -0.99 -20.35 7.38
C HIS A 360 -1.26 -19.55 8.64
N TYR A 361 -2.25 -18.67 8.60
CA TYR A 361 -2.56 -17.75 9.67
C TYR A 361 -3.83 -17.00 9.27
N PRO A 362 -4.58 -16.47 10.23
CA PRO A 362 -5.70 -15.57 9.88
C PRO A 362 -5.22 -14.38 9.06
N TYR A 363 -5.99 -14.02 8.04
CA TYR A 363 -5.70 -12.83 7.24
C TYR A 363 -6.40 -11.61 7.83
N SER A 364 -6.07 -10.44 7.28
CA SER A 364 -6.66 -9.20 7.77
C SER A 364 -8.18 -9.22 7.59
N GLU A 365 -8.85 -8.47 8.47
CA GLU A 365 -10.29 -8.31 8.36
C GLU A 365 -10.63 -7.63 7.04
N GLU A 366 -9.75 -6.73 6.56
CA GLU A 366 -10.01 -6.06 5.28
C GLU A 366 -10.11 -7.07 4.15
N MET A 367 -9.24 -8.09 4.14
CA MET A 367 -9.37 -9.19 3.18
C MET A 367 -10.64 -10.01 3.37
N MET A 368 -10.91 -10.49 4.60
CA MET A 368 -12.17 -11.18 4.87
C MET A 368 -13.38 -10.38 4.42
N ARG A 369 -13.44 -9.07 4.71
CA ARG A 369 -14.62 -8.31 4.33
C ARG A 369 -14.73 -8.15 2.82
N LEU A 370 -13.59 -7.96 2.15
CA LEU A 370 -13.61 -7.89 0.70
C LEU A 370 -14.06 -9.21 0.07
N CYS A 371 -13.66 -10.35 0.66
CA CYS A 371 -14.10 -11.64 0.15
C CYS A 371 -15.61 -11.82 0.28
N ASP A 372 -16.18 -11.41 1.43
CA ASP A 372 -17.63 -11.35 1.57
C ASP A 372 -18.27 -10.51 0.46
N GLU A 373 -17.66 -9.36 0.14
CA GLU A 373 -18.20 -8.49 -0.90
C GLU A 373 -18.07 -9.10 -2.29
N GLU A 374 -17.02 -9.87 -2.55
CA GLU A 374 -16.74 -10.32 -3.90
C GLU A 374 -17.18 -11.76 -4.17
N GLY A 375 -17.66 -12.48 -3.14
CA GLY A 375 -18.13 -13.82 -3.35
C GLY A 375 -17.03 -14.86 -3.43
N ILE A 376 -15.93 -14.66 -2.73
CA ILE A 376 -14.82 -15.61 -2.69
C ILE A 376 -14.96 -16.46 -1.43
N VAL A 377 -14.96 -17.77 -1.59
CA VAL A 377 -15.09 -18.72 -0.50
C VAL A 377 -13.74 -18.90 0.18
N VAL A 378 -13.72 -18.97 1.51
CA VAL A 378 -12.50 -18.97 2.29
C VAL A 378 -12.49 -20.19 3.21
N ILE A 379 -11.39 -20.95 3.19
CA ILE A 379 -11.06 -21.87 4.28
C ILE A 379 -10.19 -21.10 5.26
N ASP A 380 -10.69 -20.92 6.48
CA ASP A 380 -10.10 -20.03 7.48
C ASP A 380 -9.22 -20.83 8.42
N GLU A 381 -7.93 -20.54 8.44
CA GLU A 381 -6.94 -21.38 9.11
C GLU A 381 -6.33 -20.64 10.29
N THR A 382 -6.02 -21.39 11.35
CA THR A 382 -5.29 -20.86 12.51
C THR A 382 -3.81 -20.65 12.16
N THR A 383 -3.07 -20.17 13.16
CA THR A 383 -1.62 -19.99 13.09
C THR A 383 -0.82 -21.28 13.30
N ALA A 384 -1.51 -22.42 13.44
CA ALA A 384 -0.83 -23.66 13.85
C ALA A 384 -0.05 -24.35 12.73
N VAL A 385 1.12 -23.83 12.42
CA VAL A 385 2.05 -24.49 11.46
C VAL A 385 3.34 -24.75 12.24
N GLY A 386 3.98 -25.88 11.98
CA GLY A 386 5.23 -26.24 12.69
C GLY A 386 4.99 -27.12 13.89
N VAL A 387 3.73 -27.53 14.12
CA VAL A 387 3.41 -28.44 15.26
C VAL A 387 3.94 -29.82 14.88
N HIS A 388 5.26 -29.92 14.79
CA HIS A 388 5.91 -31.18 14.36
C HIS A 388 7.38 -31.11 14.80
N LEU A 389 7.80 -32.06 15.60
CA LEU A 389 9.16 -32.04 16.12
C LEU A 389 10.07 -33.04 15.42
N ASN A 390 9.56 -33.74 14.42
CA ASN A 390 10.34 -34.78 13.75
C ASN A 390 10.14 -34.69 12.24
N PHE A 391 10.27 -33.48 11.70
CA PHE A 391 10.14 -33.33 10.25
C PHE A 391 11.06 -34.28 9.49
N ARG A 402 15.25 -39.49 21.22
CA ARG A 402 14.24 -39.13 20.21
C ARG A 402 12.89 -38.72 20.84
N VAL A 403 12.60 -37.42 20.82
CA VAL A 403 11.37 -36.89 21.42
C VAL A 403 10.29 -36.81 20.36
N ASN A 404 9.10 -37.34 20.68
CA ASN A 404 7.95 -37.21 19.79
C ASN A 404 7.17 -35.93 20.04
N THR A 405 6.62 -35.38 18.94
CA THR A 405 5.88 -34.13 18.97
C THR A 405 4.91 -34.03 20.13
N PHE A 406 4.08 -35.06 20.33
CA PHE A 406 3.01 -35.02 21.31
C PHE A 406 3.33 -35.86 22.55
N ASP A 407 4.61 -36.06 22.83
CA ASP A 407 5.04 -36.50 24.14
C ASP A 407 4.55 -35.51 25.19
N PRO A 408 4.54 -35.91 26.46
CA PRO A 408 4.20 -34.95 27.51
C PRO A 408 5.21 -33.81 27.55
N ILE A 409 4.70 -32.60 27.81
CA ILE A 409 5.54 -31.40 27.86
C ILE A 409 6.73 -31.62 28.78
N GLU A 410 6.54 -32.32 29.89
CA GLU A 410 7.63 -32.55 30.83
C GLU A 410 8.70 -33.47 30.27
N GLN A 411 8.45 -34.12 29.13
CA GLN A 411 9.45 -34.91 28.43
C GLN A 411 9.87 -34.31 27.09
N GLY A 412 9.60 -33.04 26.86
CA GLY A 412 10.04 -32.38 25.64
C GLY A 412 8.98 -32.24 24.56
N GLY A 413 7.76 -32.71 24.77
CA GLY A 413 6.70 -32.56 23.78
C GLY A 413 6.39 -31.09 23.48
N ILE A 414 5.66 -30.89 22.38
CA ILE A 414 5.35 -29.53 21.94
C ILE A 414 4.49 -28.84 23.00
N ARG A 415 4.69 -27.53 23.16
CA ARG A 415 4.07 -26.76 24.24
C ARG A 415 3.02 -25.78 23.71
N THR A 416 2.35 -26.12 22.60
CA THR A 416 1.45 -25.17 21.95
C THR A 416 -0.04 -25.37 22.26
N GLN A 417 -0.46 -26.46 22.92
CA GLN A 417 -1.89 -26.75 22.93
C GLN A 417 -2.70 -25.64 23.59
N SER A 418 -2.16 -25.02 24.64
N SER A 418 -2.19 -25.03 24.66
CA SER A 418 -2.90 -24.02 25.39
CA SER A 418 -2.98 -24.02 25.38
C SER A 418 -3.15 -22.77 24.56
C SER A 418 -3.17 -22.76 24.54
N HIS A 419 -2.11 -22.30 23.88
CA HIS A 419 -2.24 -21.15 22.98
C HIS A 419 -3.07 -21.51 21.76
N HIS A 420 -2.98 -22.77 21.33
CA HIS A 420 -3.77 -23.23 20.19
C HIS A 420 -5.26 -23.06 20.46
N LYS A 421 -5.71 -23.30 21.71
CA LYS A 421 -7.11 -23.05 22.06
C LYS A 421 -7.47 -21.57 22.02
N GLU A 422 -6.62 -20.70 22.57
CA GLU A 422 -6.92 -19.27 22.52
C GLU A 422 -7.01 -18.79 21.08
N VAL A 423 -6.13 -19.28 20.19
CA VAL A 423 -6.16 -18.86 18.79
C VAL A 423 -7.48 -19.28 18.16
N ILE A 424 -7.90 -20.52 18.39
CA ILE A 424 -9.19 -20.99 17.85
C ILE A 424 -10.34 -20.13 18.36
N LYS A 425 -10.35 -19.86 19.68
CA LYS A 425 -11.39 -19.01 20.26
C LYS A 425 -11.42 -17.64 19.59
N ASP A 426 -10.24 -17.04 19.46
CA ASP A 426 -10.16 -15.68 18.93
C ASP A 426 -10.50 -15.64 17.45
N LEU A 427 -10.08 -16.66 16.71
CA LEU A 427 -10.33 -16.68 15.28
C LEU A 427 -11.81 -16.78 14.99
N ILE A 428 -12.49 -17.71 15.67
CA ILE A 428 -13.93 -17.88 15.48
C ILE A 428 -14.67 -16.64 15.96
N ALA A 429 -14.26 -16.07 17.10
CA ALA A 429 -14.93 -14.85 17.56
C ALA A 429 -14.82 -13.72 16.53
N ARG A 430 -13.67 -13.63 15.84
CA ARG A 430 -13.46 -12.54 14.89
C ARG A 430 -14.24 -12.74 13.59
N ASP A 431 -14.33 -13.99 13.12
CA ASP A 431 -14.75 -14.27 11.76
C ASP A 431 -16.09 -15.00 11.66
N LYS A 432 -16.76 -15.21 12.79
CA LYS A 432 -17.95 -16.07 12.82
C LYS A 432 -19.06 -15.58 11.91
N ASN A 433 -19.16 -14.29 11.65
CA ASN A 433 -20.29 -13.78 10.88
C ASN A 433 -20.04 -13.73 9.37
N HIS A 434 -18.85 -14.13 8.92
CA HIS A 434 -18.51 -14.07 7.51
C HIS A 434 -19.18 -15.19 6.74
N ALA A 435 -19.96 -14.81 5.73
CA ALA A 435 -20.54 -15.78 4.81
C ALA A 435 -19.46 -16.48 3.99
N CYS A 436 -18.36 -15.77 3.70
CA CYS A 436 -17.32 -16.35 2.86
C CYS A 436 -16.60 -17.50 3.55
N VAL A 437 -16.60 -17.53 4.88
CA VAL A 437 -15.91 -18.61 5.60
C VAL A 437 -16.82 -19.84 5.64
N VAL A 438 -16.35 -20.95 5.07
CA VAL A 438 -17.16 -22.16 4.97
C VAL A 438 -16.57 -23.33 5.75
N MET A 439 -15.36 -23.20 6.29
CA MET A 439 -14.63 -24.33 6.86
C MET A 439 -13.50 -23.76 7.71
N TRP A 440 -13.28 -24.37 8.87
CA TRP A 440 -12.15 -24.01 9.74
C TRP A 440 -11.05 -25.04 9.56
N SER A 441 -9.82 -24.58 9.41
CA SER A 441 -8.66 -25.45 9.36
C SER A 441 -7.86 -25.30 10.64
N ILE A 442 -7.80 -26.39 11.42
CA ILE A 442 -7.29 -26.33 12.79
C ILE A 442 -5.75 -26.25 12.83
N ALA A 443 -5.05 -26.83 11.86
CA ALA A 443 -3.59 -26.79 11.82
C ALA A 443 -3.12 -27.18 10.42
N ASN A 444 -1.93 -26.69 10.05
CA ASN A 444 -1.32 -27.08 8.78
C ASN A 444 -0.12 -28.00 9.04
N GLU A 445 -0.23 -29.23 8.57
CA GLU A 445 0.89 -30.18 8.55
C GLU A 445 1.47 -30.40 9.95
N ALA A 446 0.58 -30.61 10.93
CA ALA A 446 1.05 -31.12 12.20
C ALA A 446 1.49 -32.58 12.07
N ASP A 447 2.11 -33.11 13.11
CA ASP A 447 2.57 -34.50 13.13
C ASP A 447 1.41 -35.45 13.44
N THR A 448 0.42 -35.49 12.53
CA THR A 448 -0.85 -36.15 12.81
C THR A 448 -0.83 -37.65 12.60
N GLY A 449 0.24 -38.20 12.05
CA GLY A 449 0.40 -39.63 12.02
C GLY A 449 1.14 -40.23 13.20
N SER A 450 1.49 -39.45 14.22
CA SER A 450 2.28 -39.99 15.30
C SER A 450 1.43 -40.18 16.55
N LYS A 451 2.02 -40.83 17.54
CA LYS A 451 1.27 -41.16 18.74
C LYS A 451 1.00 -39.89 19.55
N GLY A 452 -0.22 -39.74 20.02
CA GLY A 452 -0.61 -38.58 20.79
C GLY A 452 -1.28 -37.47 19.99
N ALA A 453 -1.25 -37.54 18.66
CA ALA A 453 -1.86 -36.45 17.88
C ALA A 453 -3.35 -36.38 18.14
N TYR A 454 -4.06 -37.51 18.11
CA TYR A 454 -5.50 -37.47 18.32
C TYR A 454 -5.85 -36.79 19.63
N GLU A 455 -5.14 -37.15 20.71
CA GLU A 455 -5.42 -36.54 22.01
C GLU A 455 -5.09 -35.04 22.05
N TYR A 456 -4.05 -34.62 21.34
CA TYR A 456 -3.78 -33.20 21.21
C TYR A 456 -4.91 -32.48 20.45
N PHE A 457 -5.45 -33.12 19.42
CA PHE A 457 -6.37 -32.42 18.53
C PHE A 457 -7.82 -32.54 18.89
N LYS A 458 -8.22 -33.63 19.56
CA LYS A 458 -9.61 -33.82 19.99
C LYS A 458 -10.19 -32.60 20.71
N PRO A 459 -9.57 -32.05 21.76
CA PRO A 459 -10.17 -30.85 22.40
C PRO A 459 -10.26 -29.65 21.48
N LEU A 460 -9.38 -29.53 20.49
CA LEU A 460 -9.40 -28.36 19.61
C LEU A 460 -10.55 -28.46 18.61
N PHE A 461 -10.83 -29.66 18.09
CA PHE A 461 -11.99 -29.84 17.25
C PHE A 461 -13.27 -29.66 18.05
N ASP A 462 -13.31 -30.26 19.25
CA ASP A 462 -14.46 -30.05 20.12
C ASP A 462 -14.70 -28.57 20.36
N LEU A 463 -13.62 -27.80 20.57
CA LEU A 463 -13.77 -26.38 20.87
C LEU A 463 -14.33 -25.61 19.67
N ALA A 464 -13.79 -25.86 18.48
CA ALA A 464 -14.25 -25.15 17.29
C ALA A 464 -15.72 -25.44 17.00
N ARG A 465 -16.15 -26.70 17.19
CA ARG A 465 -17.56 -27.03 16.99
C ARG A 465 -18.44 -26.38 18.05
N GLU A 466 -17.97 -26.32 19.28
CA GLU A 466 -18.74 -25.66 20.33
C GLU A 466 -18.90 -24.17 20.03
N LEU A 467 -17.85 -23.52 19.55
CA LEU A 467 -17.83 -22.06 19.51
C LEU A 467 -18.44 -21.47 18.25
N ASP A 468 -18.42 -22.19 17.14
CA ASP A 468 -18.94 -21.64 15.91
C ASP A 468 -20.45 -21.72 15.93
N PRO A 469 -21.16 -20.59 16.02
CA PRO A 469 -22.63 -20.66 16.00
C PRO A 469 -23.17 -21.27 14.73
N GLN A 470 -22.41 -21.26 13.64
CA GLN A 470 -22.91 -21.89 12.42
C GLN A 470 -22.52 -23.34 12.30
N LYS A 471 -21.69 -23.86 13.22
CA LYS A 471 -21.32 -25.27 13.21
C LYS A 471 -20.75 -25.70 11.86
N ARG A 472 -19.84 -24.88 11.31
CA ARG A 472 -19.25 -25.19 10.01
C ARG A 472 -18.31 -26.39 10.11
N PRO A 473 -18.05 -27.05 8.99
CA PRO A 473 -17.10 -28.19 8.99
C PRO A 473 -15.73 -27.75 9.49
N CYS A 474 -15.02 -28.71 10.09
CA CYS A 474 -13.68 -28.52 10.60
C CYS A 474 -12.76 -29.56 9.99
N THR A 475 -11.52 -29.15 9.78
CA THR A 475 -10.52 -30.02 9.19
C THR A 475 -9.16 -29.66 9.78
N LEU A 476 -8.20 -30.53 9.56
CA LEU A 476 -6.81 -30.11 9.61
C LEU A 476 -6.17 -30.51 8.28
N VAL A 477 -5.16 -29.75 7.88
CA VAL A 477 -4.54 -29.96 6.58
C VAL A 477 -3.42 -30.98 6.72
N SER A 478 -3.51 -32.07 5.97
CA SER A 478 -2.68 -33.25 6.20
C SER A 478 -1.33 -33.16 5.49
N LEU A 479 -0.27 -33.35 6.29
CA LEU A 479 1.08 -33.51 5.76
C LEU A 479 1.19 -34.81 4.96
N GLN A 480 2.00 -34.78 3.91
CA GLN A 480 2.33 -35.99 3.17
C GLN A 480 3.23 -36.87 4.02
N MET A 481 2.96 -38.18 4.01
CA MET A 481 3.38 -39.03 5.12
C MET A 481 3.27 -40.49 4.69
N VAL A 482 4.29 -41.28 5.01
CA VAL A 482 4.34 -42.65 4.50
C VAL A 482 3.20 -43.48 5.06
N ASN A 483 2.86 -43.26 6.32
CA ASN A 483 1.79 -43.98 7.01
C ASN A 483 0.49 -43.17 7.00
N TYR A 484 0.04 -42.79 5.81
CA TYR A 484 -1.11 -41.90 5.69
C TYR A 484 -2.39 -42.54 6.21
N LYS A 485 -2.47 -43.87 6.26
CA LYS A 485 -3.67 -44.48 6.81
C LYS A 485 -3.80 -44.29 8.31
N GLU A 486 -2.73 -43.87 8.99
CA GLU A 486 -2.79 -43.55 10.41
C GLU A 486 -2.89 -42.04 10.68
N ASP A 487 -3.19 -41.24 9.66
CA ASP A 487 -3.42 -39.81 9.87
C ASP A 487 -4.69 -39.62 10.71
N CYS A 488 -4.54 -39.03 11.91
CA CYS A 488 -5.70 -38.85 12.78
C CYS A 488 -6.74 -37.90 12.20
N THR A 489 -6.49 -37.27 11.04
CA THR A 489 -7.55 -36.50 10.40
C THR A 489 -8.75 -37.39 10.13
N ILE A 490 -8.52 -38.69 9.95
CA ILE A 490 -9.59 -39.60 9.62
C ILE A 490 -10.57 -39.69 10.78
N LYS A 491 -10.10 -39.53 11.99
CA LYS A 491 -10.96 -39.61 13.16
C LYS A 491 -11.55 -38.27 13.57
N LEU A 492 -11.17 -37.18 12.95
CA LEU A 492 -11.55 -35.87 13.46
C LEU A 492 -12.26 -34.99 12.45
N SER A 493 -11.85 -35.02 11.18
CA SER A 493 -12.19 -33.97 10.23
C SER A 493 -13.47 -34.29 9.47
N ASP A 494 -14.21 -33.23 9.13
CA ASP A 494 -15.37 -33.34 8.24
C ASP A 494 -14.97 -33.42 6.77
N VAL A 495 -13.90 -32.74 6.36
CA VAL A 495 -13.33 -32.84 5.03
C VAL A 495 -11.86 -33.18 5.19
N PHE A 496 -11.37 -34.14 4.42
CA PHE A 496 -9.94 -34.47 4.43
C PHE A 496 -9.24 -33.56 3.44
N CYS A 497 -8.29 -32.77 3.94
CA CYS A 497 -7.57 -31.78 3.14
C CYS A 497 -6.11 -32.22 3.05
N LEU A 498 -5.66 -32.55 1.85
CA LEU A 498 -4.36 -33.18 1.66
C LEU A 498 -3.38 -32.19 1.03
N ASN A 499 -2.17 -32.12 1.58
CA ASN A 499 -1.02 -31.49 0.94
C ASN A 499 -0.17 -32.60 0.30
N ARG A 500 -0.12 -32.65 -1.03
CA ARG A 500 0.62 -33.71 -1.70
C ARG A 500 1.44 -33.13 -2.84
N TYR A 501 2.63 -33.70 -3.02
CA TYR A 501 3.61 -33.21 -3.99
C TYR A 501 4.14 -34.36 -4.83
N TYR A 502 3.21 -35.14 -5.40
CA TYR A 502 3.59 -36.19 -6.35
C TYR A 502 4.12 -35.56 -7.63
N GLY A 503 5.42 -35.70 -7.87
CA GLY A 503 6.06 -35.08 -8.99
C GLY A 503 6.97 -33.93 -8.62
N TRP A 504 7.00 -33.55 -7.33
CA TRP A 504 7.96 -32.53 -6.88
C TRP A 504 8.84 -33.09 -5.77
N TYR A 505 8.32 -33.26 -4.54
CA TYR A 505 9.15 -33.80 -3.44
C TYR A 505 9.30 -35.31 -3.52
N THR A 506 8.56 -35.96 -4.38
CA THR A 506 8.73 -37.35 -4.71
C THR A 506 8.45 -37.49 -6.19
N CYS A 507 9.10 -38.47 -6.82
CA CYS A 507 8.93 -38.70 -8.25
C CYS A 507 9.31 -37.47 -9.08
N GLY A 508 10.23 -36.63 -8.58
CA GLY A 508 10.62 -35.47 -9.35
C GLY A 508 11.14 -35.83 -10.72
N ALA A 509 10.63 -35.19 -11.78
CA ALA A 509 10.95 -35.50 -13.17
C ALA A 509 10.63 -36.94 -13.56
N ASP A 510 9.75 -37.64 -12.83
CA ASP A 510 9.23 -38.96 -13.25
C ASP A 510 7.71 -38.90 -13.08
N LEU A 511 7.04 -38.20 -14.00
CA LEU A 511 5.62 -37.96 -13.79
C LEU A 511 4.82 -39.24 -13.98
N GLN A 512 5.33 -40.18 -14.78
CA GLN A 512 4.58 -41.42 -14.93
C GLN A 512 4.55 -42.18 -13.61
N ALA A 513 5.65 -42.15 -12.87
CA ALA A 513 5.67 -42.73 -11.52
C ALA A 513 4.80 -41.92 -10.56
N ALA A 514 4.85 -40.59 -10.67
CA ALA A 514 3.99 -39.74 -9.86
C ALA A 514 2.52 -40.10 -10.03
N GLU A 515 2.08 -40.34 -11.27
CA GLU A 515 0.67 -40.64 -11.48
C GLU A 515 0.27 -41.90 -10.76
N LYS A 516 1.11 -42.92 -10.81
CA LYS A 516 0.84 -44.21 -10.19
C LYS A 516 0.82 -44.07 -8.67
N MET A 517 1.81 -43.38 -8.12
N MET A 517 1.82 -43.40 -8.11
CA MET A 517 1.86 -43.16 -6.67
CA MET A 517 1.83 -43.18 -6.67
C MET A 517 0.68 -42.33 -6.20
C MET A 517 0.64 -42.35 -6.22
N CYS A 518 0.28 -41.32 -7.00
CA CYS A 518 -0.87 -40.50 -6.66
C CYS A 518 -2.15 -41.35 -6.61
N ARG A 519 -2.39 -42.14 -7.66
CA ARG A 519 -3.61 -42.96 -7.71
C ARG A 519 -3.68 -43.97 -6.56
N GLU A 520 -2.56 -44.61 -6.22
CA GLU A 520 -2.61 -45.60 -5.15
C GLU A 520 -3.12 -44.98 -3.84
N GLU A 521 -2.54 -43.84 -3.42
CA GLU A 521 -2.96 -43.27 -2.14
C GLU A 521 -4.35 -42.63 -2.24
N LEU A 522 -4.64 -41.91 -3.33
CA LEU A 522 -5.90 -41.22 -3.37
C LEU A 522 -7.08 -42.19 -3.53
N GLU A 523 -6.85 -43.40 -4.03
CA GLU A 523 -7.94 -44.36 -4.05
C GLU A 523 -8.30 -44.81 -2.63
N PHE A 524 -7.31 -44.82 -1.72
CA PHE A 524 -7.60 -45.05 -0.32
C PHE A 524 -8.51 -43.96 0.22
N TRP A 525 -8.10 -42.70 0.06
CA TRP A 525 -8.93 -41.61 0.55
C TRP A 525 -10.31 -41.65 -0.09
N ASN A 526 -10.37 -41.89 -1.40
CA ASN A 526 -11.67 -41.96 -2.06
C ASN A 526 -12.55 -43.06 -1.50
N SER A 527 -11.96 -44.16 -1.03
CA SER A 527 -12.73 -45.29 -0.51
C SER A 527 -13.39 -45.00 0.84
N LEU A 528 -13.00 -43.93 1.52
CA LEU A 528 -13.62 -43.58 2.80
C LEU A 528 -14.97 -42.90 2.65
N GLY A 529 -15.33 -42.43 1.44
CA GLY A 529 -16.67 -41.92 1.20
C GLY A 529 -16.97 -40.53 1.75
N LYS A 530 -15.99 -39.84 2.29
CA LYS A 530 -16.18 -38.48 2.77
C LYS A 530 -15.51 -37.52 1.80
N PRO A 531 -15.88 -36.24 1.82
CA PRO A 531 -15.24 -35.30 0.88
C PRO A 531 -13.77 -35.15 1.21
N PHE A 532 -12.95 -35.10 0.17
CA PHE A 532 -11.54 -34.84 0.33
C PHE A 532 -11.06 -33.97 -0.82
N MET A 533 -9.88 -33.38 -0.63
CA MET A 533 -9.44 -32.35 -1.55
C MET A 533 -7.95 -32.09 -1.36
N TYR A 534 -7.35 -31.53 -2.41
CA TYR A 534 -6.01 -30.95 -2.35
C TYR A 534 -6.11 -29.56 -1.75
N THR A 535 -5.41 -29.33 -0.65
CA THR A 535 -5.17 -27.96 -0.22
C THR A 535 -3.79 -27.44 -0.64
N GLU A 536 -2.88 -28.31 -1.05
CA GLU A 536 -1.60 -27.93 -1.65
C GLU A 536 -1.21 -28.98 -2.68
N TYR A 537 -0.73 -28.52 -3.82
CA TYR A 537 0.06 -29.32 -4.74
C TYR A 537 0.72 -28.33 -5.70
N GLY A 538 1.97 -28.59 -6.06
CA GLY A 538 2.64 -27.69 -6.99
C GLY A 538 4.12 -28.01 -7.18
N ALA A 539 4.77 -27.13 -7.93
CA ALA A 539 6.13 -27.38 -8.39
C ALA A 539 6.84 -26.04 -8.50
N ASP A 540 8.05 -25.93 -7.96
CA ASP A 540 8.76 -24.66 -7.99
C ASP A 540 9.10 -24.33 -9.42
N THR A 541 8.79 -23.10 -9.82
CA THR A 541 8.83 -22.71 -11.22
C THR A 541 9.39 -21.30 -11.32
N VAL A 542 10.55 -21.17 -11.95
CA VAL A 542 11.17 -19.87 -12.13
C VAL A 542 10.70 -19.27 -13.45
N MET A 543 9.99 -18.14 -13.37
N MET A 543 10.00 -18.14 -13.38
CA MET A 543 9.50 -17.51 -14.60
CA MET A 543 9.52 -17.46 -14.57
C MET A 543 10.66 -17.27 -15.56
C MET A 543 10.66 -17.23 -15.55
N GLY A 544 10.49 -17.72 -16.79
CA GLY A 544 11.50 -17.57 -17.82
C GLY A 544 12.38 -18.77 -18.07
N LEU A 545 12.28 -19.82 -17.24
CA LEU A 545 12.98 -21.07 -17.52
C LEU A 545 12.04 -21.99 -18.28
N HIS A 546 12.53 -22.55 -19.40
CA HIS A 546 11.70 -23.35 -20.28
C HIS A 546 12.47 -24.56 -20.78
N ASP A 547 11.71 -25.59 -21.19
CA ASP A 547 12.19 -26.80 -21.84
C ASP A 547 10.97 -27.58 -22.36
N THR A 548 10.96 -27.93 -23.64
CA THR A 548 9.94 -28.81 -24.18
C THR A 548 9.99 -30.21 -23.57
N THR A 549 11.05 -30.58 -22.87
CA THR A 549 11.22 -31.92 -22.32
C THR A 549 11.25 -31.82 -20.79
N ASP A 550 10.45 -32.65 -20.13
CA ASP A 550 10.26 -32.55 -18.65
C ASP A 550 11.53 -32.14 -17.92
N SER A 551 11.53 -30.94 -17.36
N SER A 551 11.54 -30.93 -17.37
CA SER A 551 12.73 -30.45 -16.60
CA SER A 551 12.73 -30.44 -16.60
C SER A 551 12.24 -29.63 -15.41
C SER A 551 12.24 -29.64 -15.41
N MET A 552 12.57 -30.10 -14.20
CA MET A 552 12.12 -29.39 -12.97
C MET A 552 12.52 -27.91 -12.97
N PHE A 553 11.62 -27.05 -12.49
CA PHE A 553 11.83 -25.58 -12.35
C PHE A 553 11.39 -24.86 -13.62
N THR A 554 11.08 -25.61 -14.67
CA THR A 554 10.65 -25.01 -15.96
C THR A 554 9.16 -24.69 -15.92
N GLU A 555 8.73 -23.73 -16.73
CA GLU A 555 7.30 -23.43 -16.80
C GLU A 555 6.50 -24.59 -17.35
N GLU A 556 7.07 -25.36 -18.28
CA GLU A 556 6.33 -26.47 -18.87
C GLU A 556 6.16 -27.59 -17.88
N TYR A 557 7.17 -27.84 -17.03
CA TYR A 557 7.06 -28.91 -16.06
C TYR A 557 5.94 -28.62 -15.07
N GLN A 558 5.78 -27.35 -14.67
CA GLN A 558 4.69 -26.97 -13.78
C GLN A 558 3.33 -27.36 -14.37
N VAL A 559 3.13 -27.09 -15.66
CA VAL A 559 1.89 -27.51 -16.31
C VAL A 559 1.76 -29.03 -16.31
N GLU A 560 2.84 -29.73 -16.71
CA GLU A 560 2.74 -31.19 -16.82
C GLU A 560 2.50 -31.84 -15.46
N TYR A 561 3.11 -31.29 -14.41
CA TYR A 561 2.86 -31.72 -13.04
C TYR A 561 1.37 -31.68 -12.72
N TYR A 562 0.71 -30.59 -13.11
CA TYR A 562 -0.70 -30.42 -12.77
C TYR A 562 -1.58 -31.31 -13.64
N LYS A 563 -1.23 -31.44 -14.92
CA LYS A 563 -1.96 -32.37 -15.79
C LYS A 563 -1.95 -33.78 -15.21
N THR A 564 -0.78 -34.23 -14.72
CA THR A 564 -0.64 -35.58 -14.20
C THR A 564 -1.53 -35.78 -12.99
N ASN A 565 -1.47 -34.87 -12.02
CA ASN A 565 -2.34 -34.97 -10.86
C ASN A 565 -3.81 -35.00 -11.27
N HIS A 566 -4.20 -34.12 -12.19
CA HIS A 566 -5.60 -34.04 -12.58
C HIS A 566 -6.10 -35.30 -13.28
N LYS A 567 -5.21 -35.99 -14.00
CA LYS A 567 -5.53 -37.29 -14.58
C LYS A 567 -6.12 -38.22 -13.53
N VAL A 568 -5.62 -38.12 -12.29
CA VAL A 568 -6.10 -38.97 -11.21
C VAL A 568 -7.32 -38.34 -10.53
N THR A 569 -7.20 -37.10 -10.05
CA THR A 569 -8.26 -36.52 -9.25
C THR A 569 -9.58 -36.44 -10.04
N ASP A 570 -9.50 -36.21 -11.36
CA ASP A 570 -10.73 -36.11 -12.13
C ASP A 570 -11.51 -37.44 -12.17
N THR A 571 -10.92 -38.55 -11.76
CA THR A 571 -11.62 -39.83 -11.79
C THR A 571 -12.16 -40.25 -10.42
N LEU A 572 -12.06 -39.39 -9.40
CA LEU A 572 -12.42 -39.77 -8.03
C LEU A 572 -13.62 -38.96 -7.56
N ASP A 573 -14.75 -39.64 -7.38
CA ASP A 573 -16.01 -38.95 -7.09
C ASP A 573 -16.05 -38.27 -5.72
N CYS A 574 -15.20 -38.65 -4.76
CA CYS A 574 -15.22 -37.95 -3.47
C CYS A 574 -14.25 -36.77 -3.41
N PHE A 575 -13.47 -36.57 -4.45
CA PHE A 575 -12.51 -35.48 -4.52
C PHE A 575 -13.28 -34.24 -4.97
N ILE A 576 -13.43 -33.27 -4.07
CA ILE A 576 -14.37 -32.17 -4.25
C ILE A 576 -13.67 -30.82 -4.35
N GLY A 577 -12.37 -30.80 -4.61
CA GLY A 577 -11.70 -29.52 -4.65
C GLY A 577 -10.21 -29.55 -4.89
N GLU A 578 -9.71 -28.50 -5.53
CA GLU A 578 -8.31 -28.40 -5.88
C GLU A 578 -7.86 -26.98 -5.55
N GLN A 579 -6.99 -26.85 -4.57
CA GLN A 579 -6.35 -25.58 -4.27
C GLN A 579 -4.85 -25.79 -4.44
N VAL A 580 -4.28 -25.05 -5.40
CA VAL A 580 -2.87 -25.23 -5.71
C VAL A 580 -2.01 -24.63 -4.61
N TRP A 581 -0.77 -25.09 -4.51
CA TRP A 581 0.26 -24.35 -3.81
C TRP A 581 1.18 -23.78 -4.88
N ASN A 582 1.22 -22.44 -5.01
CA ASN A 582 0.60 -21.36 -4.24
C ASN A 582 -0.03 -20.38 -5.24
N PHE A 583 -0.86 -19.45 -4.75
CA PHE A 583 -1.30 -18.35 -5.61
C PHE A 583 -0.10 -17.60 -6.23
N ALA A 584 0.86 -17.21 -5.39
CA ALA A 584 1.98 -16.43 -5.92
C ALA A 584 3.26 -16.73 -5.16
N ASP A 585 4.40 -16.58 -5.85
CA ASP A 585 5.71 -16.68 -5.22
C ASP A 585 5.78 -15.80 -3.99
N PHE A 586 6.51 -16.24 -2.96
CA PHE A 586 6.55 -15.54 -1.69
C PHE A 586 7.88 -15.79 -0.97
N ALA A 587 8.23 -14.90 -0.04
CA ALA A 587 9.52 -14.94 0.65
C ALA A 587 9.60 -16.06 1.68
N THR A 588 10.77 -16.68 1.80
CA THR A 588 11.06 -17.71 2.81
C THR A 588 12.41 -17.44 3.44
N SER A 589 12.75 -18.31 4.39
CA SER A 589 14.13 -18.36 4.88
C SER A 589 15.07 -18.81 3.77
N GLN A 590 16.38 -18.64 4.02
CA GLN A 590 17.41 -18.92 3.04
C GLN A 590 17.81 -20.39 3.09
N GLY A 591 18.10 -20.97 1.93
CA GLY A 591 18.56 -22.35 1.91
C GLY A 591 18.82 -22.80 0.49
N LEU A 592 19.45 -23.98 0.38
CA LEU A 592 19.85 -24.50 -0.92
C LEU A 592 18.68 -24.89 -1.82
N ILE A 593 17.46 -25.05 -1.29
CA ILE A 593 16.33 -25.43 -2.12
C ILE A 593 15.32 -24.32 -2.28
N ARG A 594 15.68 -23.12 -1.81
CA ARG A 594 14.78 -21.95 -1.96
C ARG A 594 15.42 -20.92 -2.89
N VAL A 595 14.94 -20.84 -4.14
CA VAL A 595 15.47 -19.90 -5.17
C VAL A 595 14.87 -18.51 -4.94
N GLN A 596 15.49 -17.72 -4.06
CA GLN A 596 14.93 -16.41 -3.65
C GLN A 596 13.47 -16.64 -3.28
N GLY A 597 13.28 -17.47 -2.27
CA GLY A 597 11.92 -17.74 -1.80
C GLY A 597 11.27 -18.93 -2.46
N ASN A 598 10.00 -19.11 -2.18
CA ASN A 598 9.21 -20.23 -2.68
C ASN A 598 8.71 -19.86 -4.06
N LYS A 599 8.91 -20.75 -5.03
CA LYS A 599 8.62 -20.41 -6.43
C LYS A 599 7.47 -21.23 -6.99
N LYS A 600 6.60 -21.74 -6.13
CA LYS A 600 5.49 -22.57 -6.54
C LYS A 600 4.26 -21.77 -6.95
N GLY A 601 4.34 -20.43 -6.92
CA GLY A 601 3.20 -19.64 -7.34
C GLY A 601 2.81 -19.90 -8.78
N LEU A 602 1.50 -19.85 -9.03
CA LEU A 602 1.02 -19.71 -10.40
C LEU A 602 1.38 -18.34 -10.96
N PHE A 603 1.40 -17.33 -10.10
CA PHE A 603 1.88 -16.00 -10.42
C PHE A 603 3.21 -15.73 -9.71
N THR A 604 3.92 -14.74 -10.24
CA THR A 604 5.14 -14.25 -9.61
C THR A 604 4.77 -13.34 -8.43
N ARG A 605 5.80 -12.89 -7.72
CA ARG A 605 5.51 -12.06 -6.55
C ARG A 605 4.86 -10.75 -6.94
N ASP A 606 5.17 -10.24 -8.13
CA ASP A 606 4.52 -9.04 -8.63
C ASP A 606 3.32 -9.38 -9.53
N ARG A 607 2.76 -10.60 -9.39
CA ARG A 607 1.44 -11.00 -9.88
C ARG A 607 1.39 -11.18 -11.41
N LYS A 608 2.48 -11.66 -12.00
CA LYS A 608 2.47 -11.94 -13.44
C LYS A 608 2.24 -13.42 -13.68
N PRO A 609 1.39 -13.77 -14.64
CA PRO A 609 1.05 -15.18 -14.87
C PRO A 609 2.18 -15.96 -15.52
N LYS A 610 2.49 -17.12 -14.93
CA LYS A 610 3.32 -18.16 -15.52
C LYS A 610 2.48 -18.99 -16.50
N LEU A 611 3.15 -19.87 -17.24
N LEU A 611 3.16 -19.89 -17.21
CA LEU A 611 2.43 -20.74 -18.17
CA LEU A 611 2.47 -20.74 -18.17
C LEU A 611 1.31 -21.48 -17.46
C LEU A 611 1.36 -21.54 -17.50
N ALA A 612 1.58 -22.00 -16.26
CA ALA A 612 0.57 -22.78 -15.57
C ALA A 612 -0.61 -21.93 -15.12
N ALA A 613 -0.44 -20.61 -14.97
CA ALA A 613 -1.59 -19.77 -14.64
C ALA A 613 -2.57 -19.71 -15.80
N HIS A 614 -2.07 -19.72 -17.03
CA HIS A 614 -2.98 -19.74 -18.18
C HIS A 614 -3.60 -21.13 -18.32
N TYR A 615 -2.81 -22.18 -18.05
CA TYR A 615 -3.35 -23.53 -18.01
C TYR A 615 -4.55 -23.61 -17.08
N PHE A 616 -4.44 -23.02 -15.87
CA PHE A 616 -5.56 -23.10 -14.93
C PHE A 616 -6.73 -22.24 -15.34
N LYS A 617 -6.49 -21.06 -15.93
CA LYS A 617 -7.61 -20.28 -16.44
C LYS A 617 -8.46 -21.11 -17.39
N GLU A 618 -7.80 -21.80 -18.33
CA GLU A 618 -8.51 -22.69 -19.25
C GLU A 618 -9.23 -23.80 -18.50
N ARG A 619 -8.53 -24.49 -17.62
CA ARG A 619 -9.14 -25.61 -16.92
C ARG A 619 -10.31 -25.16 -16.07
N TRP A 620 -10.09 -24.13 -15.26
CA TRP A 620 -11.17 -23.74 -14.35
C TRP A 620 -12.35 -23.11 -15.07
N SER A 621 -12.17 -22.66 -16.32
CA SER A 621 -13.28 -22.15 -17.12
C SER A 621 -14.24 -23.25 -17.56
N LYS A 622 -13.79 -24.50 -17.57
CA LYS A 622 -14.61 -25.63 -17.97
C LYS A 622 -15.17 -26.38 -16.78
N ILE A 623 -14.85 -25.97 -15.56
CA ILE A 623 -15.32 -26.66 -14.36
C ILE A 623 -16.31 -25.76 -13.65
N PRO A 624 -17.54 -26.21 -13.43
CA PRO A 624 -18.54 -25.34 -12.77
C PRO A 624 -18.30 -25.30 -11.28
N ASP A 625 -18.75 -24.21 -10.66
CA ASP A 625 -18.69 -24.13 -9.20
C ASP A 625 -19.53 -25.21 -8.53
N PHE A 626 -20.65 -25.61 -9.14
CA PHE A 626 -21.57 -26.57 -8.56
C PHE A 626 -21.84 -27.69 -9.55
N GLY A 627 -21.92 -28.90 -9.04
CA GLY A 627 -22.29 -30.05 -9.84
C GLY A 627 -21.21 -30.54 -10.78
N TYR A 628 -19.93 -30.37 -10.43
CA TYR A 628 -18.87 -30.98 -11.23
C TYR A 628 -18.82 -32.49 -11.02
N LYS A 629 -18.84 -32.93 -9.76
CA LYS A 629 -18.80 -34.37 -9.48
C LYS A 629 -20.18 -34.89 -9.03
N ALA B 23 -4.90 28.03 1.02
CA ALA B 23 -4.03 27.47 2.05
C ALA B 23 -4.39 26.01 2.30
N MET B 24 -3.37 25.20 2.59
CA MET B 24 -3.54 23.74 2.67
C MET B 24 -2.51 23.19 3.67
N LEU B 25 -2.79 23.37 4.96
CA LEU B 25 -2.01 22.65 5.96
C LEU B 25 -2.30 21.15 5.91
N TYR B 26 -1.28 20.36 6.21
CA TYR B 26 -1.42 18.93 6.20
C TYR B 26 -2.31 18.51 7.38
N PRO B 27 -3.40 17.79 7.14
CA PRO B 27 -4.27 17.37 8.26
C PRO B 27 -3.53 16.47 9.24
N ILE B 28 -3.58 16.86 10.52
CA ILE B 28 -2.97 16.08 11.58
C ILE B 28 -3.93 15.99 12.77
N LEU B 29 -3.73 14.95 13.57
CA LEU B 29 -4.46 14.77 14.82
C LEU B 29 -3.83 15.65 15.89
N THR B 30 -4.64 16.54 16.49
CA THR B 30 -4.14 17.43 17.54
C THR B 30 -5.17 17.51 18.66
N GLN B 31 -4.77 18.18 19.75
CA GLN B 31 -5.70 18.37 20.86
C GLN B 31 -6.97 19.12 20.46
N SER B 32 -6.98 19.74 19.27
CA SER B 32 -8.16 20.45 18.81
C SER B 32 -8.73 19.94 17.49
N ARG B 33 -8.13 18.91 16.88
CA ARG B 33 -8.51 18.54 15.52
C ARG B 33 -8.67 17.02 15.42
N MET B 34 -9.91 16.58 15.19
CA MET B 34 -10.17 15.22 14.74
C MET B 34 -9.57 14.95 13.37
N LEU B 35 -9.14 13.70 13.15
CA LEU B 35 -8.68 13.27 11.84
C LEU B 35 -9.25 11.88 11.61
N ILE B 36 -10.13 11.75 10.62
CA ILE B 36 -10.81 10.49 10.33
C ILE B 36 -10.52 10.14 8.87
N ASP B 37 -9.78 9.04 8.67
CA ASP B 37 -9.41 8.58 7.33
C ASP B 37 -10.57 7.83 6.69
N LEU B 38 -10.99 8.24 5.49
CA LEU B 38 -12.08 7.59 4.78
C LEU B 38 -11.61 6.62 3.70
N SER B 39 -10.30 6.39 3.64
CA SER B 39 -9.77 5.41 2.71
C SER B 39 -10.31 4.02 3.06
N GLY B 40 -10.30 3.14 2.05
CA GLY B 40 -10.78 1.78 2.22
C GLY B 40 -11.43 1.33 0.94
N THR B 41 -12.37 0.40 1.04
CA THR B 41 -13.06 -0.10 -0.14
C THR B 41 -14.27 0.79 -0.41
N TRP B 42 -14.29 1.44 -1.58
CA TRP B 42 -15.42 2.26 -2.00
C TRP B 42 -16.14 1.61 -3.16
N ARG B 43 -17.38 2.04 -3.38
CA ARG B 43 -18.14 1.63 -4.55
C ARG B 43 -17.67 2.44 -5.75
N PHE B 44 -17.78 1.85 -6.93
CA PHE B 44 -17.16 2.40 -8.11
C PHE B 44 -17.98 1.99 -9.33
N LYS B 45 -18.20 2.94 -10.23
CA LYS B 45 -18.99 2.64 -11.42
C LYS B 45 -18.50 3.53 -12.56
N LEU B 46 -18.27 2.92 -13.73
CA LEU B 46 -17.92 3.68 -14.93
C LEU B 46 -19.12 4.48 -15.39
N ASP B 47 -18.89 5.71 -15.85
CA ASP B 47 -19.98 6.46 -16.48
C ASP B 47 -20.23 5.89 -17.87
N ASP B 48 -21.49 5.61 -18.17
CA ASP B 48 -21.91 5.17 -19.49
C ASP B 48 -22.50 6.31 -20.32
N GLY B 49 -22.27 7.57 -19.93
CA GLY B 49 -22.86 8.69 -20.62
C GLY B 49 -24.14 9.21 -20.00
N SER B 50 -24.67 8.54 -18.97
CA SER B 50 -25.91 8.94 -18.35
C SER B 50 -25.79 9.18 -16.84
N GLY B 51 -24.57 9.08 -16.27
CA GLY B 51 -24.45 9.12 -14.82
C GLY B 51 -24.82 10.46 -14.21
N PHE B 52 -24.57 11.56 -14.92
CA PHE B 52 -25.05 12.86 -14.43
C PHE B 52 -26.52 13.08 -14.75
N GLU B 53 -26.97 12.72 -15.96
CA GLU B 53 -28.37 12.84 -16.34
C GLU B 53 -29.27 12.08 -15.37
N LYS B 54 -28.90 10.85 -15.03
CA LYS B 54 -29.69 10.05 -14.10
C LYS B 54 -29.32 10.29 -12.65
N LYS B 55 -28.42 11.26 -12.37
CA LYS B 55 -28.06 11.69 -11.02
C LYS B 55 -27.72 10.50 -10.10
N TRP B 56 -26.74 9.72 -10.56
CA TRP B 56 -26.25 8.59 -9.75
C TRP B 56 -25.81 9.00 -8.36
N TYR B 57 -25.41 10.27 -8.17
CA TYR B 57 -24.93 10.71 -6.88
C TYR B 57 -26.03 10.91 -5.85
N GLU B 58 -27.30 10.86 -6.27
CA GLU B 58 -28.41 11.01 -5.34
C GLU B 58 -28.78 9.72 -4.63
N LYS B 59 -28.31 8.57 -5.10
CA LYS B 59 -28.70 7.27 -4.55
C LYS B 59 -27.45 6.41 -4.45
N THR B 60 -27.56 5.32 -3.68
CA THR B 60 -26.52 4.28 -3.67
C THR B 60 -26.21 3.87 -5.10
N LEU B 61 -24.92 3.83 -5.46
CA LEU B 61 -24.55 3.32 -6.77
C LEU B 61 -25.09 1.91 -6.93
N ASP B 62 -25.61 1.62 -8.12
CA ASP B 62 -26.30 0.38 -8.41
C ASP B 62 -25.51 -0.37 -9.48
N ASP B 63 -25.38 -1.69 -9.33
CA ASP B 63 -24.67 -2.55 -10.28
C ASP B 63 -23.23 -2.06 -10.49
N ALA B 64 -22.53 -1.91 -9.37
CA ALA B 64 -21.26 -1.23 -9.28
C ALA B 64 -20.15 -2.24 -8.97
N GLN B 65 -18.90 -1.79 -9.06
CA GLN B 65 -17.78 -2.56 -8.54
C GLN B 65 -17.31 -1.97 -7.22
N LEU B 66 -16.26 -2.58 -6.69
CA LEU B 66 -15.50 -2.09 -5.56
C LEU B 66 -14.09 -1.72 -5.99
N MET B 67 -13.53 -0.69 -5.34
CA MET B 67 -12.30 -0.10 -5.83
C MET B 67 -11.61 0.31 -4.54
N PRO B 68 -10.33 0.00 -4.34
CA PRO B 68 -9.61 0.54 -3.17
C PRO B 68 -9.32 2.02 -3.32
N VAL B 69 -9.40 2.73 -2.20
CA VAL B 69 -9.12 4.17 -2.11
C VAL B 69 -8.13 4.37 -0.97
N PRO B 70 -6.97 5.02 -1.11
CA PRO B 70 -6.56 5.61 -2.37
C PRO B 70 -5.89 4.65 -3.37
N SER B 71 -6.07 4.94 -4.66
CA SER B 71 -5.41 4.15 -5.73
C SER B 71 -5.81 4.71 -7.07
N SER B 72 -4.97 4.50 -8.07
CA SER B 72 -5.41 4.79 -9.43
C SER B 72 -6.31 3.58 -9.76
N TYR B 73 -7.36 3.73 -10.56
CA TYR B 73 -8.25 2.58 -10.78
C TYR B 73 -7.91 1.82 -12.05
N ASN B 74 -6.87 2.21 -12.76
CA ASN B 74 -6.70 1.65 -14.09
C ASN B 74 -6.19 0.22 -14.08
N ASP B 75 -5.36 -0.14 -13.10
CA ASP B 75 -4.67 -1.42 -13.09
C ASP B 75 -5.21 -2.37 -12.04
N ILE B 76 -6.29 -2.01 -11.34
CA ILE B 76 -6.75 -2.86 -10.24
C ILE B 76 -7.43 -4.11 -10.77
N LYS B 77 -8.14 -4.01 -11.90
CA LYS B 77 -8.85 -5.14 -12.49
C LYS B 77 -8.10 -5.65 -13.72
N GLU B 78 -8.75 -6.51 -14.49
CA GLU B 78 -8.11 -7.14 -15.62
C GLU B 78 -8.68 -6.64 -16.94
N SER B 79 -9.39 -5.52 -16.94
CA SER B 79 -10.21 -5.10 -18.07
C SER B 79 -9.56 -3.95 -18.83
N ALA B 80 -9.33 -4.15 -20.13
CA ALA B 80 -8.81 -3.06 -20.96
C ALA B 80 -9.79 -1.90 -20.98
N ASP B 81 -11.09 -2.19 -21.00
CA ASP B 81 -12.07 -1.11 -21.04
C ASP B 81 -11.99 -0.26 -19.79
N LEU B 82 -11.70 -0.88 -18.64
CA LEU B 82 -11.47 -0.09 -17.43
CA LEU B 82 -11.46 -0.11 -17.42
C LEU B 82 -10.17 0.69 -17.53
N ARG B 83 -9.07 0.01 -17.88
CA ARG B 83 -7.77 0.68 -17.96
C ARG B 83 -7.80 1.89 -18.90
N ASP B 84 -8.44 1.73 -20.06
CA ASP B 84 -8.44 2.74 -21.12
C ASP B 84 -9.75 3.54 -21.18
N HIS B 85 -10.50 3.59 -20.07
CA HIS B 85 -11.74 4.34 -20.03
C HIS B 85 -11.53 5.79 -20.41
N TYR B 86 -12.49 6.36 -21.12
CA TYR B 86 -12.46 7.77 -21.49
C TYR B 86 -13.64 8.46 -20.83
N GLY B 87 -13.36 9.39 -19.91
CA GLY B 87 -14.41 10.22 -19.33
C GLY B 87 -14.48 10.06 -17.81
N TRP B 88 -15.71 10.03 -17.31
CA TRP B 88 -16.02 10.08 -15.89
C TRP B 88 -16.16 8.69 -15.29
N VAL B 89 -15.89 8.60 -13.99
CA VAL B 89 -16.27 7.46 -13.17
C VAL B 89 -16.83 8.02 -11.86
N PHE B 90 -17.56 7.18 -11.14
CA PHE B 90 -18.16 7.56 -9.87
C PHE B 90 -17.65 6.65 -8.77
N TYR B 91 -17.09 7.24 -7.73
CA TYR B 91 -16.76 6.58 -6.48
C TYR B 91 -17.83 6.93 -5.43
N GLN B 92 -18.10 6.01 -4.51
CA GLN B 92 -19.08 6.33 -3.47
C GLN B 92 -18.85 5.50 -2.22
N ARG B 93 -19.07 6.11 -1.06
CA ARG B 93 -19.12 5.35 0.18
C ARG B 93 -20.11 6.00 1.13
N ASP B 94 -20.45 5.26 2.18
CA ASP B 94 -21.29 5.78 3.24
C ASP B 94 -20.45 6.58 4.21
N LEU B 95 -21.06 7.62 4.78
CA LEU B 95 -20.39 8.53 5.69
C LEU B 95 -21.36 8.74 6.85
N ASN B 96 -21.26 7.90 7.86
CA ASN B 96 -22.12 7.99 9.04
C ASN B 96 -21.24 8.50 10.17
N ILE B 97 -21.32 9.79 10.46
CA ILE B 97 -20.39 10.39 11.41
C ILE B 97 -21.06 10.73 12.74
N PRO B 98 -20.31 10.71 13.85
CA PRO B 98 -20.91 11.02 15.14
C PRO B 98 -21.47 12.43 15.16
N ALA B 99 -22.65 12.57 15.77
CA ALA B 99 -23.29 13.89 15.84
C ALA B 99 -22.50 14.85 16.71
N TYR B 100 -21.69 14.35 17.65
CA TYR B 100 -20.85 15.23 18.46
C TYR B 100 -20.04 16.18 17.59
N LEU B 101 -19.52 15.69 16.46
CA LEU B 101 -18.72 16.52 15.57
C LEU B 101 -19.47 17.72 15.01
N LYS B 102 -20.80 17.79 15.13
CA LYS B 102 -21.54 18.94 14.62
C LYS B 102 -21.21 20.21 15.42
N THR B 103 -20.69 20.05 16.64
CA THR B 103 -20.17 21.19 17.40
C THR B 103 -18.89 21.76 16.80
N GLN B 104 -18.18 20.99 15.98
CA GLN B 104 -16.93 21.43 15.38
C GLN B 104 -17.16 21.86 13.94
N ARG B 105 -16.14 22.48 13.35
CA ARG B 105 -16.14 22.72 11.91
C ARG B 105 -15.67 21.43 11.23
N ILE B 106 -16.43 20.96 10.23
CA ILE B 106 -16.19 19.66 9.61
C ILE B 106 -15.74 19.90 8.18
N VAL B 107 -14.58 19.36 7.83
CA VAL B 107 -13.92 19.59 6.55
C VAL B 107 -13.64 18.24 5.88
N LEU B 108 -13.98 18.12 4.60
CA LEU B 108 -13.58 17.00 3.76
C LEU B 108 -12.36 17.40 2.95
N ARG B 109 -11.24 16.72 3.20
CA ARG B 109 -9.97 16.97 2.50
C ARG B 109 -9.69 15.86 1.51
N PHE B 110 -9.50 16.23 0.24
CA PHE B 110 -9.08 15.31 -0.81
C PHE B 110 -7.63 15.63 -1.13
N ALA B 111 -6.72 14.73 -0.78
CA ALA B 111 -5.30 15.01 -1.01
C ALA B 111 -5.01 15.16 -2.50
N ALA B 112 -5.66 14.35 -3.35
CA ALA B 112 -5.49 14.45 -4.79
C ALA B 112 -6.55 13.58 -5.44
N VAL B 113 -7.16 14.11 -6.50
CA VAL B 113 -8.12 13.36 -7.31
C VAL B 113 -7.79 13.67 -8.76
N THR B 114 -7.43 12.65 -9.52
CA THR B 114 -6.88 12.83 -10.86
C THR B 114 -7.92 12.45 -11.91
N HIS B 115 -8.28 13.38 -12.78
CA HIS B 115 -7.72 14.74 -12.93
C HIS B 115 -8.62 15.85 -12.34
N SER B 116 -9.93 15.76 -12.57
CA SER B 116 -10.90 16.75 -12.08
C SER B 116 -12.00 16.02 -11.33
N ALA B 117 -12.62 16.72 -10.37
CA ALA B 117 -13.53 16.10 -9.42
C ALA B 117 -14.80 16.93 -9.24
N LYS B 118 -15.90 16.24 -8.97
CA LYS B 118 -17.14 16.86 -8.47
C LYS B 118 -17.52 16.06 -7.23
N VAL B 119 -17.65 16.73 -6.09
CA VAL B 119 -17.90 16.05 -4.81
C VAL B 119 -19.33 16.33 -4.36
N TYR B 120 -20.08 15.26 -4.07
CA TYR B 120 -21.45 15.38 -3.58
C TYR B 120 -21.59 14.72 -2.21
N VAL B 121 -22.29 15.39 -1.30
CA VAL B 121 -22.76 14.78 -0.07
C VAL B 121 -24.29 14.77 -0.16
N ASN B 122 -24.88 13.59 -0.04
CA ASN B 122 -26.35 13.44 -0.07
C ASN B 122 -26.95 14.11 -1.29
N GLY B 123 -26.28 13.98 -2.43
CA GLY B 123 -26.82 14.55 -3.66
C GLY B 123 -26.67 16.05 -3.82
N THR B 124 -26.05 16.75 -2.87
CA THR B 124 -25.76 18.17 -3.02
C THR B 124 -24.31 18.31 -3.44
N LEU B 125 -24.08 19.00 -4.57
CA LEU B 125 -22.72 19.28 -5.02
C LEU B 125 -22.08 20.23 -4.03
N LEU B 126 -20.97 19.81 -3.42
CA LEU B 126 -20.26 20.65 -2.47
C LEU B 126 -19.06 21.36 -3.09
N CYS B 127 -18.27 20.69 -3.93
CA CYS B 127 -17.20 21.42 -4.62
C CYS B 127 -16.82 20.67 -5.88
N GLU B 128 -16.10 21.40 -6.74
CA GLU B 128 -15.44 20.87 -7.91
C GLU B 128 -13.98 21.27 -7.85
N HIS B 129 -13.14 20.50 -8.52
CA HIS B 129 -11.73 20.82 -8.55
C HIS B 129 -11.13 20.42 -9.89
N LYS B 130 -10.25 21.27 -10.39
CA LYS B 130 -9.48 21.00 -11.60
C LYS B 130 -8.01 20.86 -11.22
N GLY B 131 -7.35 19.80 -11.71
CA GLY B 131 -5.95 19.58 -11.41
C GLY B 131 -5.74 18.33 -10.58
N GLY B 132 -5.06 17.33 -11.14
CA GLY B 132 -5.07 16.00 -10.54
C GLY B 132 -4.07 15.71 -9.43
N PHE B 133 -3.26 16.67 -8.99
CA PHE B 133 -2.15 16.30 -8.12
C PHE B 133 -1.94 17.22 -6.94
N LEU B 134 -2.91 18.07 -6.62
CA LEU B 134 -2.84 19.00 -5.51
C LEU B 134 -4.13 18.91 -4.71
N PRO B 135 -4.09 19.18 -3.41
CA PRO B 135 -5.24 18.91 -2.54
C PRO B 135 -6.32 19.98 -2.64
N PHE B 136 -7.52 19.60 -2.21
CA PHE B 136 -8.63 20.55 -2.08
C PHE B 136 -9.55 20.06 -0.97
N GLU B 137 -10.37 20.98 -0.47
CA GLU B 137 -11.22 20.71 0.69
C GLU B 137 -12.50 21.50 0.60
N THR B 138 -13.48 21.06 1.38
CA THR B 138 -14.74 21.78 1.51
C THR B 138 -15.32 21.47 2.89
N GLU B 139 -15.94 22.47 3.50
CA GLU B 139 -16.72 22.23 4.70
C GLU B 139 -17.98 21.49 4.32
N ILE B 140 -18.41 20.55 5.15
CA ILE B 140 -19.76 20.02 5.07
C ILE B 140 -20.65 20.96 5.88
N PRO B 141 -21.66 21.57 5.26
CA PRO B 141 -22.64 22.37 6.01
C PRO B 141 -23.37 21.48 7.01
N GLU B 142 -23.45 21.95 8.26
CA GLU B 142 -24.12 21.18 9.32
C GLU B 142 -25.55 20.79 8.93
N ASN B 143 -26.25 21.66 8.20
CA ASN B 143 -27.63 21.39 7.80
C ASN B 143 -27.75 20.26 6.78
N LEU B 144 -26.65 19.87 6.15
CA LEU B 144 -26.65 18.79 5.18
C LEU B 144 -26.46 17.42 5.80
N ILE B 145 -25.99 17.34 7.05
CA ILE B 145 -25.62 16.08 7.69
C ILE B 145 -26.86 15.41 8.29
N ARG B 146 -27.21 14.23 7.78
CA ARG B 146 -28.28 13.38 8.27
C ARG B 146 -27.68 12.31 9.19
N ASP B 147 -28.52 11.37 9.62
CA ASP B 147 -28.00 10.22 10.37
C ASP B 147 -27.12 9.34 9.51
N GLU B 148 -27.58 9.05 8.29
CA GLU B 148 -26.78 8.36 7.31
C GLU B 148 -26.56 9.27 6.12
N ASN B 149 -25.34 9.26 5.61
CA ASN B 149 -24.96 10.14 4.51
C ASN B 149 -24.26 9.34 3.42
N LEU B 150 -24.40 9.80 2.18
CA LEU B 150 -23.64 9.31 1.04
C LEU B 150 -22.60 10.32 0.63
N LEU B 151 -21.38 9.86 0.40
CA LEU B 151 -20.31 10.68 -0.17
C LEU B 151 -20.03 10.15 -1.57
N THR B 152 -20.23 10.98 -2.59
CA THR B 152 -19.99 10.57 -3.96
C THR B 152 -18.93 11.48 -4.57
N VAL B 153 -17.95 10.88 -5.25
CA VAL B 153 -16.91 11.65 -5.94
C VAL B 153 -16.92 11.24 -7.40
N ALA B 154 -17.24 12.20 -8.27
CA ALA B 154 -17.13 11.98 -9.71
C ALA B 154 -15.76 12.45 -10.16
N VAL B 155 -15.09 11.62 -10.98
CA VAL B 155 -13.68 11.77 -11.34
C VAL B 155 -13.56 11.76 -12.85
N ASP B 156 -13.01 12.83 -13.41
CA ASP B 156 -12.84 12.98 -14.85
C ASP B 156 -11.39 12.70 -15.22
N ASN B 157 -11.18 11.82 -16.23
CA ASN B 157 -9.82 11.49 -16.63
C ASN B 157 -9.37 12.18 -17.93
N ARG B 158 -10.21 13.00 -18.53
CA ARG B 158 -9.93 13.53 -19.86
C ARG B 158 -8.88 14.64 -19.80
N ILE B 159 -8.01 14.65 -20.80
CA ILE B 159 -6.91 15.62 -20.91
C ILE B 159 -6.96 16.22 -22.31
N ASP B 160 -6.60 17.50 -22.42
CA ASP B 160 -6.62 18.22 -23.70
C ASP B 160 -5.68 19.42 -23.62
N HIS B 161 -5.82 20.36 -24.57
CA HIS B 161 -4.94 21.52 -24.66
C HIS B 161 -5.14 22.51 -23.53
N SER B 162 -6.08 22.25 -22.63
CA SER B 162 -6.35 23.14 -21.51
C SER B 162 -6.06 22.50 -20.16
N THR B 163 -5.64 21.24 -20.13
CA THR B 163 -5.31 20.58 -18.88
C THR B 163 -3.80 20.54 -18.67
N LEU B 164 -3.41 20.43 -17.42
CA LEU B 164 -2.03 20.14 -17.07
C LEU B 164 -2.04 18.83 -16.29
N PRO B 165 -1.50 17.73 -16.82
CA PRO B 165 -0.75 17.60 -18.09
C PRO B 165 -1.59 17.76 -19.35
N VAL B 166 -0.92 18.13 -20.44
CA VAL B 166 -1.59 18.41 -21.71
C VAL B 166 -1.90 17.09 -22.42
N GLY B 167 -3.12 17.01 -22.97
CA GLY B 167 -3.52 15.92 -23.84
C GLY B 167 -3.64 16.39 -25.28
N ARG B 168 -3.37 15.49 -26.21
CA ARG B 168 -3.48 15.82 -27.62
C ARG B 168 -4.95 15.76 -28.04
N GLU B 169 -5.31 16.59 -29.02
CA GLU B 169 -6.68 16.66 -29.53
C GLU B 169 -6.77 16.18 -30.98
N ASP B 170 -5.88 15.27 -31.38
CA ASP B 170 -5.79 14.85 -32.77
C ASP B 170 -5.71 13.33 -32.94
N GLU B 171 -5.91 12.56 -31.87
CA GLU B 171 -5.95 11.09 -31.89
C GLU B 171 -4.63 10.45 -32.35
N SER B 172 -3.54 11.21 -32.40
CA SER B 172 -2.21 10.67 -32.70
C SER B 172 -1.44 10.38 -31.40
N ASN B 173 -0.43 9.51 -31.53
CA ASN B 173 0.36 9.04 -30.39
C ASN B 173 1.66 9.85 -30.27
N VAL B 174 1.98 10.29 -29.03
CA VAL B 174 3.21 11.04 -28.77
C VAL B 174 4.43 10.19 -29.11
N LEU B 175 4.30 8.87 -28.97
CA LEU B 175 5.36 7.93 -29.31
C LEU B 175 5.50 7.79 -30.83
N SER B 178 2.07 6.02 -36.15
CA SER B 178 1.89 4.64 -36.61
C SER B 178 2.33 4.52 -38.07
N PHE B 179 2.83 3.34 -38.46
CA PHE B 179 3.41 3.18 -39.79
C PHE B 179 2.32 3.18 -40.88
N PHE B 180 1.13 2.62 -40.61
CA PHE B 180 -0.05 2.71 -41.48
C PHE B 180 -1.24 3.21 -40.67
N PRO B 181 -1.97 4.22 -41.17
CA PRO B 181 -3.06 4.81 -40.38
C PRO B 181 -4.17 3.83 -40.09
N TYR B 182 -4.87 4.07 -38.98
CA TYR B 182 -6.00 3.24 -38.59
C TYR B 182 -7.00 4.05 -37.78
N THR B 183 -8.25 3.60 -37.81
CA THR B 183 -9.31 4.23 -37.02
C THR B 183 -9.43 3.53 -35.68
N PRO B 184 -9.27 4.24 -34.55
CA PRO B 184 -9.41 3.59 -33.25
C PRO B 184 -10.82 3.10 -33.01
N THR B 185 -10.92 1.98 -32.29
CA THR B 185 -12.23 1.43 -31.93
C THR B 185 -13.03 2.40 -31.08
N LYS B 186 -12.44 2.91 -30.01
CA LYS B 186 -13.11 3.85 -29.12
C LYS B 186 -12.23 5.08 -28.97
N LYS B 187 -12.85 6.18 -28.60
CA LYS B 187 -12.10 7.40 -28.31
C LYS B 187 -11.33 7.22 -27.00
N GLN B 188 -10.05 7.64 -27.00
CA GLN B 188 -9.17 7.46 -25.84
C GLN B 188 -8.38 8.73 -25.59
N ASN B 189 -7.98 8.93 -24.34
CA ASN B 189 -7.05 10.01 -24.04
C ASN B 189 -5.76 9.78 -24.80
N LYS B 190 -5.23 10.84 -25.39
CA LYS B 190 -3.95 10.74 -26.10
C LYS B 190 -2.95 11.64 -25.39
N PRO B 191 -2.14 11.11 -24.49
CA PRO B 191 -1.26 11.96 -23.69
C PRO B 191 -0.22 12.66 -24.55
N ASN B 192 0.11 13.89 -24.17
CA ASN B 192 1.24 14.56 -24.82
C ASN B 192 2.44 14.52 -23.88
N PHE B 193 2.62 13.35 -23.26
CA PHE B 193 3.65 13.11 -22.26
C PHE B 193 3.90 11.61 -22.24
N ASP B 194 5.03 11.22 -21.63
CA ASP B 194 5.52 9.85 -21.66
C ASP B 194 5.31 9.14 -20.33
N PHE B 195 4.08 9.03 -19.89
CA PHE B 195 3.76 8.25 -18.70
C PHE B 195 2.27 7.95 -18.76
N PHE B 196 1.88 6.81 -18.17
CA PHE B 196 0.50 6.38 -18.30
C PHE B 196 -0.44 7.31 -17.55
N ASN B 197 -1.61 7.53 -18.12
CA ASN B 197 -2.60 8.46 -17.57
C ASN B 197 -3.41 7.83 -16.43
N TYR B 198 -2.72 7.52 -15.33
CA TYR B 198 -3.38 6.92 -14.17
C TYR B 198 -4.35 7.90 -13.52
N CYS B 199 -5.60 7.49 -13.35
CA CYS B 199 -6.59 8.35 -12.72
C CYS B 199 -7.33 7.61 -11.61
N GLY B 200 -8.07 8.38 -10.81
CA GLY B 200 -8.86 7.90 -9.70
C GLY B 200 -8.61 8.74 -8.47
N ILE B 201 -9.05 8.24 -7.32
CA ILE B 201 -8.78 8.93 -6.06
C ILE B 201 -7.38 8.52 -5.61
N THR B 202 -6.38 9.27 -6.10
CA THR B 202 -4.97 8.88 -6.03
C THR B 202 -4.43 8.89 -4.61
N ARG B 203 -4.88 9.82 -3.78
CA ARG B 203 -4.35 10.02 -2.44
C ARG B 203 -5.50 10.06 -1.44
N PRO B 204 -5.20 9.94 -0.13
CA PRO B 204 -6.25 9.73 0.86
C PRO B 204 -7.34 10.79 0.85
N VAL B 205 -8.55 10.36 1.18
CA VAL B 205 -9.66 11.23 1.51
C VAL B 205 -9.78 11.20 3.02
N LYS B 206 -9.82 12.36 3.66
CA LYS B 206 -9.95 12.40 5.12
C LYS B 206 -10.97 13.45 5.53
N LEU B 207 -11.68 13.16 6.61
CA LEU B 207 -12.53 14.11 7.30
C LEU B 207 -11.76 14.62 8.49
N TYR B 208 -11.60 15.94 8.62
CA TYR B 208 -11.01 16.47 9.83
C TYR B 208 -11.87 17.60 10.39
N THR B 209 -11.59 17.98 11.63
CA THR B 209 -12.31 19.06 12.27
C THR B 209 -11.35 20.09 12.84
N THR B 210 -11.87 21.29 13.06
CA THR B 210 -11.25 22.37 13.80
C THR B 210 -12.34 23.04 14.62
N PRO B 211 -11.96 23.85 15.62
CA PRO B 211 -12.97 24.70 16.27
C PRO B 211 -13.75 25.52 15.25
N LYS B 212 -14.96 25.97 15.61
CA LYS B 212 -15.76 26.70 14.64
C LYS B 212 -15.37 28.18 14.59
N ASP B 213 -15.14 28.79 15.76
CA ASP B 213 -15.07 30.24 15.84
C ASP B 213 -13.71 30.75 15.38
N ALA B 214 -12.64 30.20 15.94
CA ALA B 214 -11.29 30.66 15.66
C ALA B 214 -10.41 29.45 15.35
N TYR B 215 -9.68 29.49 14.23
CA TYR B 215 -8.81 28.39 13.88
C TYR B 215 -7.68 28.86 12.98
N ILE B 216 -6.60 28.09 12.99
CA ILE B 216 -5.44 28.36 12.15
C ILE B 216 -5.73 27.85 10.75
N SER B 217 -5.51 28.69 9.74
CA SER B 217 -5.67 28.26 8.36
C SER B 217 -4.36 28.13 7.58
N ASP B 218 -3.34 28.94 7.87
CA ASP B 218 -2.02 28.76 7.26
C ASP B 218 -0.91 29.21 8.18
N ILE B 219 0.29 28.72 7.86
CA ILE B 219 1.51 29.00 8.61
C ILE B 219 2.62 29.18 7.59
N THR B 220 3.39 30.24 7.75
CA THR B 220 4.50 30.54 6.85
C THR B 220 5.74 30.83 7.69
N LEU B 221 6.80 30.08 7.45
CA LEU B 221 8.06 30.23 8.16
C LEU B 221 9.16 30.55 7.17
N THR B 222 10.05 31.47 7.56
CA THR B 222 11.30 31.72 6.88
C THR B 222 12.37 31.86 7.94
N SER B 223 13.63 31.68 7.54
CA SER B 223 14.72 31.65 8.50
C SER B 223 15.93 32.40 7.94
N SER B 224 16.76 32.90 8.87
CA SER B 224 17.97 33.65 8.61
C SER B 224 18.99 33.28 9.68
N LEU B 225 20.23 33.00 9.27
CA LEU B 225 21.28 32.61 10.22
C LEU B 225 22.15 33.83 10.52
N GLU B 226 22.25 34.19 11.81
CA GLU B 226 23.14 35.24 12.31
C GLU B 226 24.17 34.58 13.21
N ASN B 227 25.41 34.44 12.71
CA ASN B 227 26.40 33.57 13.32
C ASN B 227 25.78 32.18 13.52
N ASN B 228 25.71 31.72 14.76
CA ASN B 228 25.07 30.44 15.09
C ASN B 228 23.64 30.61 15.61
N THR B 229 23.02 31.75 15.37
CA THR B 229 21.66 32.01 15.82
C THR B 229 20.75 32.12 14.61
N ALA B 230 19.61 31.44 14.68
CA ALA B 230 18.64 31.46 13.60
C ALA B 230 17.47 32.36 14.00
N ARG B 231 17.07 33.25 13.08
CA ARG B 231 15.87 34.06 13.23
C ARG B 231 14.77 33.44 12.37
N ILE B 232 13.67 33.07 13.00
CA ILE B 232 12.55 32.44 12.29
C ILE B 232 11.42 33.45 12.22
N ASN B 233 11.17 33.97 11.02
CA ASN B 233 10.06 34.89 10.77
C ASN B 233 8.82 34.10 10.40
N TYR B 234 7.71 34.42 11.06
CA TYR B 234 6.46 33.68 10.93
C TYR B 234 5.31 34.60 10.57
N LYS B 235 4.38 34.07 9.78
CA LYS B 235 3.07 34.66 9.53
C LYS B 235 2.05 33.57 9.73
N ILE B 236 1.11 33.77 10.64
CA ILE B 236 0.10 32.78 11.00
C ILE B 236 -1.23 33.32 10.55
N ASP B 237 -1.79 32.73 9.51
CA ASP B 237 -3.09 33.12 9.00
C ASP B 237 -4.19 32.42 9.78
N THR B 238 -5.21 33.17 10.14
CA THR B 238 -6.23 32.65 11.03
C THR B 238 -7.60 33.12 10.56
N LYS B 239 -8.63 32.41 11.04
CA LYS B 239 -10.00 32.84 10.90
C LYS B 239 -10.56 33.07 12.30
N GLY B 240 -11.31 34.16 12.48
CA GLY B 240 -11.85 34.51 13.76
C GLY B 240 -10.89 35.35 14.61
N SER B 241 -11.35 35.64 15.82
CA SER B 241 -10.63 36.49 16.77
C SER B 241 -10.17 35.63 17.94
N ALA B 242 -8.88 35.68 18.25
CA ALA B 242 -8.29 35.00 19.39
C ALA B 242 -6.84 35.45 19.49
N HIS B 243 -6.12 34.89 20.45
CA HIS B 243 -4.70 35.18 20.64
C HIS B 243 -3.83 34.06 20.08
N THR B 244 -2.80 34.44 19.33
CA THR B 244 -1.86 33.52 18.68
C THR B 244 -0.61 33.36 19.54
N ALA B 245 -0.20 32.10 19.75
CA ALA B 245 1.04 31.76 20.45
C ALA B 245 1.85 30.76 19.62
N ILE B 246 3.17 30.95 19.57
CA ILE B 246 4.05 30.06 18.83
C ILE B 246 5.19 29.59 19.72
N GLY B 247 5.54 28.31 19.61
CA GLY B 247 6.64 27.76 20.38
C GLY B 247 7.48 26.81 19.53
N VAL B 248 8.80 26.79 19.74
CA VAL B 248 9.72 25.99 18.93
C VAL B 248 10.44 25.02 19.86
N TYR B 249 10.35 23.73 19.54
CA TYR B 249 10.84 22.66 20.40
C TYR B 249 11.85 21.81 19.64
N THR B 250 12.88 21.36 20.34
CA THR B 250 13.80 20.42 19.74
C THR B 250 13.12 19.07 19.55
N LYS B 251 13.74 18.23 18.72
CA LYS B 251 13.28 16.84 18.58
C LYS B 251 13.08 16.20 19.94
N GLN B 252 14.03 16.41 20.86
CA GLN B 252 13.99 15.80 22.18
C GLN B 252 12.93 16.42 23.10
N GLY B 253 12.36 17.57 22.73
CA GLY B 253 11.24 18.14 23.46
C GLY B 253 11.53 19.41 24.26
N VAL B 254 12.73 19.99 24.15
CA VAL B 254 13.08 21.19 24.89
C VAL B 254 12.60 22.42 24.13
N CYS B 255 11.82 23.28 24.79
CA CYS B 255 11.46 24.56 24.21
C CYS B 255 12.71 25.43 24.04
N VAL B 256 12.86 26.04 22.87
CA VAL B 256 14.02 26.87 22.58
C VAL B 256 13.65 28.23 22.03
N ALA B 257 12.36 28.51 21.82
CA ALA B 257 11.85 29.84 21.54
C ALA B 257 10.34 29.82 21.80
N GLN B 258 9.83 30.94 22.31
CA GLN B 258 8.40 31.07 22.57
C GLN B 258 8.06 32.55 22.55
N THR B 259 6.97 32.91 21.87
CA THR B 259 6.39 34.26 21.99
C THR B 259 4.88 34.14 21.99
N GLU B 260 4.23 34.91 22.84
CA GLU B 260 2.79 34.86 23.02
C GLU B 260 2.13 36.11 22.48
N ASN B 261 0.82 36.00 22.21
CA ASN B 261 -0.01 37.13 21.80
C ASN B 261 0.66 37.92 20.68
N THR B 262 1.21 37.22 19.69
CA THR B 262 2.03 37.89 18.63
C THR B 262 1.23 38.36 17.43
N GLY B 263 -0.03 37.95 17.31
CA GLY B 263 -0.78 38.32 16.09
C GLY B 263 -0.34 37.53 14.88
N THR B 264 -0.47 38.13 13.70
CA THR B 264 -0.18 37.41 12.44
C THR B 264 1.33 37.32 12.17
N GLU B 265 2.01 38.46 12.10
CA GLU B 265 3.45 38.44 11.75
C GLU B 265 4.32 38.53 13.00
N GLY B 266 5.60 38.22 12.86
CA GLY B 266 6.52 38.23 14.02
C GLY B 266 7.76 37.41 13.76
N SER B 267 8.63 37.33 14.76
CA SER B 267 9.83 36.51 14.62
C SER B 267 10.28 36.05 16.01
N LEU B 268 11.31 35.22 16.01
CA LEU B 268 11.91 34.65 17.20
C LEU B 268 13.23 34.02 16.78
N THR B 269 14.07 33.69 17.76
CA THR B 269 15.41 33.23 17.46
C THR B 269 15.73 31.95 18.21
N ILE B 270 16.57 31.13 17.59
CA ILE B 270 17.08 29.90 18.19
C ILE B 270 18.58 30.09 18.42
N GLU B 271 19.01 29.93 19.65
CA GLU B 271 20.43 29.95 19.95
C GLU B 271 21.06 28.62 19.55
N ASN B 272 22.22 28.69 18.88
CA ASN B 272 22.94 27.51 18.39
C ASN B 272 22.02 26.54 17.65
N ALA B 273 21.37 27.06 16.62
CA ALA B 273 20.39 26.29 15.86
C ALA B 273 21.05 25.13 15.15
N VAL B 274 20.47 23.94 15.27
CA VAL B 274 20.89 22.81 14.45
C VAL B 274 20.29 23.00 13.06
N LEU B 275 21.14 23.03 12.03
CA LEU B 275 20.66 23.22 10.68
C LEU B 275 20.24 21.91 10.05
N TRP B 276 19.28 21.99 9.14
CA TRP B 276 18.87 20.87 8.32
C TRP B 276 19.88 20.73 7.17
N GLU B 277 20.49 19.55 7.04
CA GLU B 277 21.50 19.31 5.99
C GLU B 277 21.10 18.10 5.15
N PRO B 278 21.45 18.09 3.86
CA PRO B 278 21.24 16.87 3.06
C PRO B 278 21.84 15.65 3.73
N LEU B 279 21.05 14.58 3.81
CA LEU B 279 21.44 13.32 4.44
C LEU B 279 21.74 13.44 5.93
N LYS B 280 21.58 14.62 6.51
CA LYS B 280 21.71 14.82 7.96
C LYS B 280 20.60 15.76 8.39
N PRO B 281 19.36 15.30 8.34
CA PRO B 281 18.24 16.20 8.61
C PRO B 281 18.15 16.54 10.09
N TYR B 282 17.56 17.69 10.36
CA TYR B 282 17.13 18.02 11.71
C TYR B 282 15.86 18.83 11.56
N LEU B 283 14.82 18.45 12.30
CA LEU B 283 13.52 19.13 12.25
C LEU B 283 13.17 19.62 13.64
N TYR B 284 12.89 20.92 13.77
CA TYR B 284 12.28 21.38 15.00
C TYR B 284 10.77 21.14 14.94
N GLU B 285 10.14 21.12 16.11
CA GLU B 285 8.70 21.06 16.23
C GLU B 285 8.20 22.48 16.53
N VAL B 286 7.40 23.03 15.62
CA VAL B 286 6.81 24.35 15.78
C VAL B 286 5.36 24.16 16.20
N LYS B 287 5.04 24.52 17.44
CA LYS B 287 3.70 24.35 17.98
C LYS B 287 3.01 25.71 17.96
N ILE B 288 1.86 25.78 17.27
CA ILE B 288 1.08 26.99 17.16
C ILE B 288 -0.25 26.80 17.88
N SER B 289 -0.71 27.85 18.53
CA SER B 289 -2.00 27.81 19.18
C SER B 289 -2.72 29.11 18.89
N PHE B 290 -4.01 29.00 18.64
CA PHE B 290 -4.82 30.17 18.31
C PHE B 290 -6.20 29.92 18.91
N GLY B 291 -6.48 30.55 20.04
CA GLY B 291 -7.71 30.28 20.74
C GLY B 291 -7.68 28.84 21.25
N GLU B 292 -8.70 28.07 20.88
CA GLU B 292 -8.65 26.65 21.22
C GLU B 292 -7.83 25.83 20.22
N ASP B 293 -7.52 26.37 19.04
CA ASP B 293 -6.89 25.59 17.97
C ASP B 293 -5.41 25.36 18.21
N ARG B 294 -4.96 24.14 17.94
CA ARG B 294 -3.59 23.71 18.14
C ARG B 294 -3.10 23.01 16.88
N TYR B 295 -1.91 23.38 16.42
CA TYR B 295 -1.29 22.75 15.26
C TYR B 295 0.21 22.68 15.47
N THR B 296 0.81 21.50 15.19
CA THR B 296 2.25 21.30 15.22
C THR B 296 2.82 21.13 13.81
N LEU B 297 3.83 21.92 13.47
CA LEU B 297 4.49 21.87 12.16
C LEU B 297 5.96 21.50 12.32
N PRO B 298 6.44 20.40 11.72
CA PRO B 298 7.88 20.16 11.68
C PRO B 298 8.56 21.15 10.75
N TYR B 299 9.75 21.60 11.14
CA TYR B 299 10.45 22.65 10.40
C TYR B 299 11.97 22.47 10.49
N GLY B 300 12.63 22.40 9.34
CA GLY B 300 14.08 22.38 9.28
C GLY B 300 14.62 23.75 8.89
N ILE B 301 15.72 24.15 9.53
CA ILE B 301 16.37 25.44 9.28
C ILE B 301 17.51 25.23 8.30
N ARG B 302 17.44 25.90 7.15
CA ARG B 302 18.51 25.82 6.16
C ARG B 302 18.35 26.97 5.19
N SER B 303 19.45 27.31 4.51
CA SER B 303 19.48 28.35 3.50
C SER B 303 19.75 27.76 2.11
N VAL B 304 19.16 28.41 1.10
CA VAL B 304 19.34 28.08 -0.30
C VAL B 304 19.68 29.35 -1.06
N ALA B 305 20.73 29.31 -1.87
CA ALA B 305 21.09 30.48 -2.65
C ALA B 305 21.88 30.03 -3.86
N VAL B 306 21.58 30.61 -5.01
CA VAL B 306 22.45 30.51 -6.17
C VAL B 306 23.41 31.69 -6.15
N LYS B 307 24.72 31.43 -6.22
CA LYS B 307 25.73 32.49 -6.23
C LYS B 307 26.80 32.12 -7.24
N GLY B 308 26.85 32.86 -8.35
CA GLY B 308 27.77 32.51 -9.41
C GLY B 308 27.33 31.22 -10.05
N ASN B 309 28.28 30.33 -10.31
CA ASN B 309 27.98 29.00 -10.82
C ASN B 309 27.77 27.98 -9.70
N LYS B 310 27.40 28.43 -8.50
CA LYS B 310 27.28 27.58 -7.33
C LYS B 310 25.82 27.50 -6.87
N PHE B 311 25.41 26.29 -6.46
CA PHE B 311 24.14 26.08 -5.79
C PHE B 311 24.47 25.88 -4.32
N LEU B 312 24.17 26.88 -3.49
CA LEU B 312 24.60 26.92 -2.10
C LEU B 312 23.45 26.46 -1.20
N ILE B 313 23.63 25.33 -0.52
CA ILE B 313 22.80 24.94 0.59
C ILE B 313 23.64 25.14 1.85
N ASN B 314 23.10 25.91 2.80
CA ASN B 314 23.83 26.34 4.00
C ASN B 314 25.20 26.91 3.66
N ASN B 315 25.25 27.66 2.56
CA ASN B 315 26.42 28.40 2.14
C ASN B 315 27.57 27.48 1.72
N LYS B 316 27.27 26.27 1.25
CA LYS B 316 28.26 25.33 0.75
C LYS B 316 27.85 24.86 -0.64
N PRO B 317 28.83 24.63 -1.54
CA PRO B 317 28.49 24.28 -2.92
C PRO B 317 28.00 22.85 -3.09
N PHE B 318 26.69 22.69 -3.29
CA PHE B 318 26.04 21.39 -3.39
C PHE B 318 26.29 20.76 -4.76
N TYR B 319 26.34 19.43 -4.79
CA TYR B 319 26.33 18.68 -6.05
C TYR B 319 25.16 17.71 -6.00
N PHE B 320 24.18 17.88 -6.89
CA PHE B 320 23.02 17.00 -6.92
C PHE B 320 23.41 15.61 -7.41
N LYS B 321 22.96 14.58 -6.68
CA LYS B 321 23.11 13.19 -7.10
C LYS B 321 21.76 12.53 -6.91
N GLY B 322 21.15 12.08 -7.99
CA GLY B 322 19.85 11.46 -7.87
C GLY B 322 19.14 11.19 -9.16
N TYR B 323 17.85 11.51 -9.22
CA TYR B 323 16.98 11.00 -10.26
C TYR B 323 15.78 11.91 -10.45
N GLY B 324 15.20 11.83 -11.64
CA GLY B 324 13.79 12.09 -11.78
C GLY B 324 13.07 10.80 -11.39
N LYS B 325 12.02 10.94 -10.58
CA LYS B 325 11.21 9.80 -10.21
C LYS B 325 9.86 9.87 -10.93
N HIS B 326 9.04 8.88 -10.65
CA HIS B 326 7.60 8.97 -10.86
C HIS B 326 6.98 8.41 -9.61
N GLU B 327 5.75 8.82 -9.30
CA GLU B 327 4.91 8.08 -8.36
C GLU B 327 4.29 6.94 -9.16
N ASP B 328 4.88 5.76 -9.08
CA ASP B 328 4.46 4.65 -9.92
C ASP B 328 4.84 3.36 -9.21
N THR B 329 3.82 2.54 -8.88
CA THR B 329 4.02 1.20 -8.33
C THR B 329 2.86 0.33 -8.77
N PHE B 330 3.06 -1.00 -8.72
CA PHE B 330 2.03 -1.95 -9.12
C PHE B 330 1.33 -2.50 -7.89
N PRO B 331 -0.02 -2.60 -7.86
CA PRO B 331 -1.01 -2.31 -8.90
C PRO B 331 -1.70 -0.95 -8.76
N ALA B 332 -1.34 -0.17 -7.75
CA ALA B 332 -2.03 1.09 -7.46
C ALA B 332 -1.72 2.21 -8.44
N GLY B 333 -0.78 2.02 -9.37
CA GLY B 333 -0.42 3.06 -10.33
C GLY B 333 0.22 4.26 -9.69
N ARG B 334 -0.47 5.40 -9.75
CA ARG B 334 -0.01 6.64 -9.13
C ARG B 334 -0.35 6.72 -7.65
N GLY B 335 -1.06 5.72 -7.11
CA GLY B 335 -1.65 5.88 -5.80
C GLY B 335 -0.62 5.88 -4.68
N LEU B 336 -0.96 6.58 -3.59
CA LEU B 336 -0.08 6.65 -2.44
C LEU B 336 0.27 5.24 -1.96
N ASN B 337 1.57 5.00 -1.78
CA ASN B 337 2.11 3.70 -1.39
C ASN B 337 3.21 3.99 -0.38
N MET B 338 2.88 3.88 0.87
CA MET B 338 3.72 4.42 1.91
C MET B 338 4.89 3.47 2.21
N PRO B 339 4.69 2.14 2.25
CA PRO B 339 5.86 1.25 2.33
C PRO B 339 6.83 1.44 1.17
N MET B 340 6.34 1.63 -0.05
CA MET B 340 7.28 1.84 -1.13
C MET B 340 7.98 3.20 -1.04
N ASN B 341 7.32 4.23 -0.49
CA ASN B 341 8.03 5.48 -0.27
C ASN B 341 9.23 5.27 0.65
N ALA B 342 9.04 4.53 1.74
CA ALA B 342 10.15 4.26 2.65
C ALA B 342 11.21 3.40 1.98
N LYS B 343 10.78 2.40 1.20
CA LYS B 343 11.74 1.59 0.45
C LYS B 343 12.55 2.44 -0.51
N ASP B 344 11.90 3.31 -1.28
CA ASP B 344 12.65 4.11 -2.25
C ASP B 344 13.69 4.99 -1.57
N ILE B 345 13.31 5.68 -0.47
CA ILE B 345 14.28 6.49 0.27
CA ILE B 345 14.29 6.50 0.25
C ILE B 345 15.44 5.63 0.74
N SER B 346 15.14 4.43 1.23
CA SER B 346 16.19 3.56 1.72
C SER B 346 17.12 3.14 0.60
N LEU B 347 16.57 2.91 -0.60
CA LEU B 347 17.42 2.64 -1.77
C LEU B 347 18.26 3.85 -2.17
N MET B 348 17.72 5.06 -2.12
CA MET B 348 18.56 6.20 -2.49
C MET B 348 19.71 6.38 -1.52
N LYS B 349 19.49 6.14 -0.22
CA LYS B 349 20.60 6.20 0.72
C LYS B 349 21.59 5.06 0.50
N TRP B 350 21.10 3.87 0.16
CA TRP B 350 21.99 2.78 -0.23
C TRP B 350 22.86 3.17 -1.42
N GLN B 351 22.28 3.86 -2.39
CA GLN B 351 23.00 4.17 -3.62
C GLN B 351 23.91 5.38 -3.46
N GLY B 352 23.71 6.19 -2.41
CA GLY B 352 24.45 7.42 -2.25
C GLY B 352 23.86 8.64 -2.93
N ALA B 353 22.57 8.61 -3.26
CA ALA B 353 21.91 9.78 -3.83
C ALA B 353 21.59 10.80 -2.73
N ASN B 354 21.35 12.05 -3.14
CA ASN B 354 20.95 13.06 -2.16
C ASN B 354 19.69 13.84 -2.57
N SER B 355 19.06 13.51 -3.68
CA SER B 355 18.08 14.44 -4.23
C SER B 355 17.25 13.72 -5.27
N PHE B 356 16.04 14.23 -5.50
CA PHE B 356 15.30 13.83 -6.69
C PHE B 356 14.40 14.97 -7.14
N ARG B 357 13.82 14.82 -8.32
CA ARG B 357 12.86 15.76 -8.84
C ARG B 357 11.49 15.08 -8.86
N THR B 358 10.43 15.83 -8.54
CA THR B 358 9.07 15.28 -8.56
C THR B 358 8.50 15.37 -9.97
N SER B 359 9.15 14.67 -10.88
CA SER B 359 8.63 14.59 -12.24
C SER B 359 7.39 13.69 -12.31
N HIS B 360 6.36 14.15 -13.02
CA HIS B 360 6.17 15.50 -13.55
C HIS B 360 4.91 16.15 -12.97
N TYR B 361 4.82 16.20 -11.65
CA TYR B 361 3.62 16.60 -10.93
C TYR B 361 3.97 16.62 -9.46
N PRO B 362 3.29 17.43 -8.63
CA PRO B 362 3.55 17.39 -7.20
C PRO B 362 3.30 16.01 -6.63
N TYR B 363 4.19 15.57 -5.75
CA TYR B 363 4.05 14.26 -5.12
C TYR B 363 3.16 14.38 -3.87
N SER B 364 2.86 13.24 -3.26
CA SER B 364 2.06 13.24 -2.04
C SER B 364 2.75 14.04 -0.93
N GLU B 365 1.95 14.65 -0.05
CA GLU B 365 2.52 15.31 1.13
C GLU B 365 3.26 14.31 2.00
N GLU B 366 2.80 13.04 2.03
CA GLU B 366 3.47 12.02 2.84
C GLU B 366 4.91 11.77 2.37
N MET B 367 5.15 11.85 1.07
CA MET B 367 6.55 11.70 0.56
C MET B 367 7.34 12.94 0.98
N MET B 368 6.77 14.11 0.77
CA MET B 368 7.49 15.35 1.06
C MET B 368 7.85 15.45 2.54
N ARG B 369 6.92 15.07 3.41
CA ARG B 369 7.22 15.05 4.83
C ARG B 369 8.29 14.02 5.16
N LEU B 370 8.29 12.88 4.46
CA LEU B 370 9.32 11.89 4.73
C LEU B 370 10.67 12.37 4.23
N CYS B 371 10.71 13.12 3.14
CA CYS B 371 11.99 13.65 2.65
C CYS B 371 12.58 14.65 3.64
N ASP B 372 11.74 15.50 4.24
CA ASP B 372 12.16 16.39 5.32
C ASP B 372 12.77 15.60 6.48
N GLU B 373 12.13 14.50 6.86
CA GLU B 373 12.60 13.69 7.99
C GLU B 373 13.83 12.86 7.63
N GLU B 374 14.07 12.58 6.35
CA GLU B 374 15.18 11.71 5.99
C GLU B 374 16.36 12.46 5.39
N GLY B 375 16.19 13.73 5.00
CA GLY B 375 17.27 14.53 4.51
C GLY B 375 17.51 14.47 3.03
N ILE B 376 16.46 14.27 2.23
CA ILE B 376 16.57 14.15 0.79
C ILE B 376 16.13 15.48 0.20
N VAL B 377 16.94 16.02 -0.69
CA VAL B 377 16.68 17.30 -1.36
C VAL B 377 15.72 17.08 -2.52
N VAL B 378 14.81 18.03 -2.73
CA VAL B 378 13.73 17.87 -3.69
C VAL B 378 13.71 19.08 -4.62
N ILE B 379 13.65 18.83 -5.92
CA ILE B 379 13.25 19.83 -6.90
C ILE B 379 11.76 19.61 -7.15
N ASP B 380 10.94 20.57 -6.70
CA ASP B 380 9.48 20.44 -6.69
C ASP B 380 8.93 20.95 -8.01
N GLU B 381 8.16 20.12 -8.72
CA GLU B 381 7.78 20.42 -10.09
C GLU B 381 6.27 20.54 -10.20
N THR B 382 5.82 21.49 -11.03
CA THR B 382 4.40 21.62 -11.33
C THR B 382 3.95 20.47 -12.24
N THR B 383 2.66 20.48 -12.59
CA THR B 383 2.08 19.49 -13.49
C THR B 383 2.28 19.82 -14.96
N ALA B 384 3.05 20.85 -15.30
CA ALA B 384 3.04 21.41 -16.66
C ALA B 384 4.00 20.67 -17.58
N VAL B 385 3.60 19.47 -18.00
CA VAL B 385 4.32 18.71 -19.00
C VAL B 385 3.39 18.56 -20.21
N GLY B 386 3.96 18.63 -21.41
CA GLY B 386 3.16 18.56 -22.63
C GLY B 386 2.75 19.92 -23.21
N VAL B 387 3.27 21.02 -22.66
CA VAL B 387 2.96 22.40 -23.19
C VAL B 387 3.78 22.58 -24.44
N HIS B 388 3.38 21.91 -25.53
CA HIS B 388 4.16 21.89 -26.78
C HIS B 388 3.25 21.32 -27.86
N LEU B 389 2.84 22.16 -28.81
CA LEU B 389 1.91 21.72 -29.87
C LEU B 389 2.70 21.32 -31.12
N ASN B 390 4.03 21.26 -31.04
CA ASN B 390 4.81 20.81 -32.19
C ASN B 390 5.91 19.83 -31.75
N PHE B 391 5.56 18.91 -30.84
CA PHE B 391 6.52 17.97 -30.29
C PHE B 391 7.05 17.00 -31.34
N GLY B 400 -6.49 23.29 -40.52
CA GLY B 400 -5.55 22.69 -41.46
C GLY B 400 -4.22 23.39 -41.63
N LYS B 401 -4.03 24.49 -40.89
CA LYS B 401 -2.80 25.26 -40.92
C LYS B 401 -1.97 24.96 -39.67
N ARG B 402 -0.66 24.92 -39.85
CA ARG B 402 0.24 24.67 -38.72
C ARG B 402 0.06 25.73 -37.65
N VAL B 403 0.30 25.34 -36.40
CA VAL B 403 -0.01 26.17 -35.24
C VAL B 403 1.24 26.29 -34.39
N ASN B 404 1.38 27.43 -33.72
CA ASN B 404 2.45 27.65 -32.76
C ASN B 404 1.94 27.46 -31.34
N THR B 405 2.79 26.85 -30.50
CA THR B 405 2.38 26.48 -29.15
C THR B 405 1.81 27.67 -28.39
N PHE B 406 2.43 28.84 -28.53
CA PHE B 406 2.10 29.98 -27.70
C PHE B 406 1.45 31.10 -28.50
N ASP B 407 0.79 30.74 -29.59
CA ASP B 407 -0.10 31.59 -30.36
C ASP B 407 -1.26 31.98 -29.47
N PRO B 408 -2.05 32.99 -29.83
CA PRO B 408 -3.22 33.33 -29.02
C PRO B 408 -4.20 32.15 -28.93
N ILE B 409 -4.88 32.06 -27.79
CA ILE B 409 -5.93 31.05 -27.61
C ILE B 409 -6.89 31.11 -28.79
N GLU B 410 -7.20 32.32 -29.26
CA GLU B 410 -8.03 32.49 -30.45
C GLU B 410 -7.40 31.80 -31.66
N GLN B 411 -6.09 31.99 -31.86
CA GLN B 411 -5.39 31.45 -33.02
C GLN B 411 -4.99 29.98 -32.86
N GLY B 412 -5.40 29.32 -31.78
CA GLY B 412 -5.19 27.89 -31.61
C GLY B 412 -4.05 27.50 -30.68
N GLY B 413 -3.41 28.45 -30.03
CA GLY B 413 -2.34 28.13 -29.11
C GLY B 413 -2.83 27.44 -27.84
N ILE B 414 -1.85 27.08 -27.00
CA ILE B 414 -2.15 26.31 -25.80
C ILE B 414 -2.99 27.15 -24.84
N ARG B 415 -3.91 26.50 -24.12
CA ARG B 415 -4.87 27.18 -23.25
C ARG B 415 -4.60 26.91 -21.77
N THR B 416 -3.34 26.77 -21.39
CA THR B 416 -2.98 26.29 -20.05
C THR B 416 -2.51 27.38 -19.09
N GLN B 417 -2.35 28.63 -19.51
CA GLN B 417 -1.61 29.57 -18.67
C GLN B 417 -2.38 29.92 -17.40
N SER B 418 -3.70 30.04 -17.49
CA SER B 418 -4.47 30.43 -16.32
C SER B 418 -4.47 29.33 -15.27
N HIS B 419 -4.71 28.08 -15.69
CA HIS B 419 -4.55 26.96 -14.78
C HIS B 419 -3.09 26.83 -14.32
N HIS B 420 -2.13 27.11 -15.22
CA HIS B 420 -0.72 27.04 -14.87
C HIS B 420 -0.41 27.96 -13.70
N LYS B 421 -1.01 29.16 -13.69
CA LYS B 421 -0.82 30.05 -12.55
C LYS B 421 -1.42 29.48 -11.28
N GLU B 422 -2.61 28.88 -11.39
CA GLU B 422 -3.24 28.30 -10.20
C GLU B 422 -2.41 27.14 -9.65
N VAL B 423 -1.79 26.36 -10.53
CA VAL B 423 -0.99 25.24 -10.05
C VAL B 423 0.23 25.76 -9.30
N ILE B 424 0.90 26.77 -9.85
CA ILE B 424 2.02 27.40 -9.15
C ILE B 424 1.58 27.94 -7.79
N LYS B 425 0.46 28.65 -7.74
CA LYS B 425 -0.01 29.19 -6.46
C LYS B 425 -0.25 28.07 -5.46
N ASP B 426 -0.92 27.01 -5.89
CA ASP B 426 -1.30 25.99 -4.94
C ASP B 426 -0.11 25.14 -4.53
N LEU B 427 0.80 24.87 -5.48
CA LEU B 427 1.98 24.06 -5.13
C LEU B 427 2.83 24.76 -4.08
N ILE B 428 3.09 26.06 -4.27
CA ILE B 428 3.92 26.78 -3.31
C ILE B 428 3.18 26.95 -1.99
N ALA B 429 1.86 27.16 -2.06
CA ALA B 429 1.07 27.24 -0.83
C ALA B 429 1.18 25.95 -0.02
N ARG B 430 1.26 24.80 -0.70
CA ARG B 430 1.32 23.52 0.01
C ARG B 430 2.72 23.22 0.53
N ASP B 431 3.77 23.57 -0.21
CA ASP B 431 5.09 23.04 0.06
C ASP B 431 6.10 24.07 0.53
N LYS B 432 5.68 25.34 0.69
CA LYS B 432 6.60 26.43 1.01
C LYS B 432 7.43 26.16 2.26
N ASN B 433 6.86 25.50 3.27
CA ASN B 433 7.62 25.34 4.50
C ASN B 433 8.60 24.15 4.50
N HIS B 434 8.71 23.41 3.41
CA HIS B 434 9.58 22.23 3.43
C HIS B 434 11.03 22.64 3.29
N ALA B 435 11.85 22.24 4.27
CA ALA B 435 13.29 22.38 4.13
C ALA B 435 13.83 21.60 2.94
N CYS B 436 13.20 20.47 2.59
CA CYS B 436 13.73 19.61 1.54
C CYS B 436 13.60 20.25 0.16
N VAL B 437 12.60 21.11 -0.04
CA VAL B 437 12.36 21.77 -1.32
C VAL B 437 13.36 22.90 -1.48
N VAL B 438 14.19 22.83 -2.53
CA VAL B 438 15.24 23.82 -2.75
C VAL B 438 15.10 24.56 -4.06
N MET B 439 14.18 24.12 -4.94
CA MET B 439 14.06 24.71 -6.25
C MET B 439 12.71 24.34 -6.83
N TRP B 440 12.09 25.29 -7.54
CA TRP B 440 10.81 25.09 -8.19
C TRP B 440 11.05 24.90 -9.67
N SER B 441 10.40 23.90 -10.25
CA SER B 441 10.46 23.65 -11.69
C SER B 441 9.12 24.02 -12.29
N ILE B 442 9.12 25.03 -13.16
CA ILE B 442 7.88 25.62 -13.64
C ILE B 442 7.21 24.73 -14.69
N ALA B 443 7.98 23.98 -15.46
CA ALA B 443 7.40 23.16 -16.53
C ALA B 443 8.45 22.16 -16.98
N ASN B 444 8.00 21.06 -17.59
CA ASN B 444 8.93 20.06 -18.13
C ASN B 444 8.79 19.98 -19.63
N GLU B 445 9.88 20.30 -20.34
CA GLU B 445 9.97 20.14 -21.80
C GLU B 445 8.84 20.85 -22.54
N ALA B 446 8.51 22.06 -22.09
CA ALA B 446 7.63 22.89 -22.90
C ALA B 446 8.38 23.39 -24.16
N ASP B 447 7.67 24.09 -25.03
CA ASP B 447 8.18 24.52 -26.34
C ASP B 447 8.97 25.83 -26.20
N THR B 448 10.06 25.78 -25.44
CA THR B 448 10.71 27.00 -24.97
C THR B 448 11.63 27.64 -26.00
N GLY B 449 11.87 26.98 -27.13
CA GLY B 449 12.67 27.53 -28.21
C GLY B 449 11.88 28.11 -29.37
N SER B 450 10.57 28.34 -29.19
CA SER B 450 9.72 28.92 -30.22
C SER B 450 9.24 30.29 -29.77
N LYS B 451 8.62 31.02 -30.70
CA LYS B 451 8.22 32.39 -30.43
C LYS B 451 7.02 32.44 -29.47
N GLY B 452 7.07 33.37 -28.53
CA GLY B 452 6.02 33.52 -27.56
C GLY B 452 6.30 32.80 -26.25
N ALA B 453 7.24 31.85 -26.26
CA ALA B 453 7.55 31.09 -25.06
C ALA B 453 7.89 32.00 -23.89
N TYR B 454 8.76 32.99 -24.13
CA TYR B 454 9.14 33.91 -23.07
C TYR B 454 7.93 34.65 -22.51
N GLU B 455 7.00 35.04 -23.39
CA GLU B 455 5.84 35.77 -22.93
C GLU B 455 4.90 34.88 -22.12
N TYR B 456 4.85 33.58 -22.44
CA TYR B 456 4.05 32.67 -21.65
C TYR B 456 4.66 32.48 -20.26
N PHE B 457 5.99 32.37 -20.16
CA PHE B 457 6.60 31.93 -18.92
C PHE B 457 6.96 33.06 -17.96
N LYS B 458 7.31 34.24 -18.47
CA LYS B 458 7.75 35.33 -17.59
C LYS B 458 6.76 35.62 -16.47
N PRO B 459 5.44 35.75 -16.71
CA PRO B 459 4.52 35.89 -15.56
C PRO B 459 4.55 34.71 -14.59
N LEU B 460 4.81 33.49 -15.07
CA LEU B 460 4.81 32.34 -14.16
C LEU B 460 6.04 32.37 -13.25
N PHE B 461 7.20 32.69 -13.82
CA PHE B 461 8.37 32.90 -12.98
C PHE B 461 8.17 34.04 -12.00
N ASP B 462 7.64 35.17 -12.46
CA ASP B 462 7.34 36.27 -11.56
C ASP B 462 6.37 35.83 -10.49
N LEU B 463 5.38 35.03 -10.84
CA LEU B 463 4.43 34.53 -9.85
C LEU B 463 5.14 33.68 -8.81
N ALA B 464 5.95 32.70 -9.26
CA ALA B 464 6.68 31.85 -8.31
C ALA B 464 7.57 32.66 -7.38
N ARG B 465 8.30 33.65 -7.92
CA ARG B 465 9.18 34.42 -7.03
C ARG B 465 8.39 35.29 -6.07
N GLU B 466 7.26 35.86 -6.52
CA GLU B 466 6.44 36.65 -5.61
C GLU B 466 5.89 35.82 -4.45
N LEU B 467 5.45 34.59 -4.71
CA LEU B 467 4.72 33.84 -3.67
C LEU B 467 5.59 33.00 -2.75
N ASP B 468 6.79 32.60 -3.17
CA ASP B 468 7.63 31.81 -2.27
C ASP B 468 8.27 32.73 -1.24
N PRO B 469 7.92 32.58 0.05
CA PRO B 469 8.54 33.44 1.07
C PRO B 469 10.04 33.25 1.16
N GLN B 470 10.55 32.09 0.79
CA GLN B 470 11.98 31.83 0.85
C GLN B 470 12.72 32.29 -0.40
N LYS B 471 12.00 32.65 -1.46
CA LYS B 471 12.62 33.13 -2.69
C LYS B 471 13.61 32.11 -3.26
N ARG B 472 13.21 30.85 -3.27
CA ARG B 472 14.08 29.79 -3.78
C ARG B 472 14.29 29.94 -5.28
N PRO B 473 15.37 29.35 -5.80
CA PRO B 473 15.59 29.36 -7.25
C PRO B 473 14.43 28.74 -8.02
N CYS B 474 14.25 29.21 -9.25
CA CYS B 474 13.24 28.74 -10.17
C CYS B 474 13.93 28.30 -11.45
N THR B 475 13.42 27.23 -12.03
CA THR B 475 13.96 26.70 -13.28
C THR B 475 12.79 26.22 -14.13
N LEU B 476 13.04 26.05 -15.41
CA LEU B 476 12.20 25.19 -16.23
C LEU B 476 13.09 24.08 -16.79
N VAL B 477 12.52 22.91 -16.94
CA VAL B 477 13.31 21.76 -17.37
C VAL B 477 13.24 21.68 -18.88
N SER B 478 14.43 21.75 -19.50
CA SER B 478 14.62 22.15 -20.89
C SER B 478 14.64 20.93 -21.81
N LEU B 479 13.75 20.93 -22.79
CA LEU B 479 13.73 19.87 -23.78
C LEU B 479 14.96 19.96 -24.68
N GLN B 480 15.44 18.79 -25.11
CA GLN B 480 16.53 18.75 -26.08
C GLN B 480 16.04 19.30 -27.40
N MET B 481 16.76 20.29 -27.93
CA MET B 481 16.34 20.96 -29.15
C MET B 481 17.54 21.40 -29.95
N VAL B 482 17.36 21.47 -31.28
CA VAL B 482 18.47 21.85 -32.16
C VAL B 482 18.86 23.31 -31.92
N ASN B 483 17.88 24.19 -31.72
CA ASN B 483 18.17 25.61 -31.46
C ASN B 483 18.26 25.89 -29.96
N TYR B 484 19.16 25.16 -29.29
CA TYR B 484 19.22 25.23 -27.83
C TYR B 484 19.66 26.60 -27.33
N LYS B 485 20.50 27.31 -28.09
CA LYS B 485 20.87 28.66 -27.68
C LYS B 485 19.66 29.59 -27.63
N GLU B 486 18.56 29.20 -28.27
CA GLU B 486 17.34 29.99 -28.33
C GLU B 486 16.34 29.63 -27.24
N ASP B 487 16.69 28.70 -26.37
CA ASP B 487 15.84 28.29 -25.25
C ASP B 487 15.60 29.47 -24.30
N CYS B 488 14.33 29.80 -24.05
CA CYS B 488 14.01 30.95 -23.21
C CYS B 488 14.37 30.72 -21.74
N THR B 489 14.76 29.50 -21.36
CA THR B 489 15.25 29.29 -19.99
C THR B 489 16.43 30.21 -19.68
N ILE B 490 17.19 30.60 -20.70
CA ILE B 490 18.36 31.45 -20.50
C ILE B 490 17.92 32.81 -19.94
N LYS B 491 16.76 33.29 -20.34
CA LYS B 491 16.27 34.59 -19.86
C LYS B 491 15.57 34.52 -18.51
N LEU B 492 15.20 33.33 -18.02
CA LEU B 492 14.26 33.20 -16.91
C LEU B 492 14.81 32.44 -15.71
N SER B 493 15.67 31.43 -15.90
CA SER B 493 15.96 30.46 -14.86
C SER B 493 17.21 30.83 -14.07
N ASP B 494 17.18 30.48 -12.78
CA ASP B 494 18.37 30.61 -11.94
C ASP B 494 19.34 29.46 -12.15
N VAL B 495 18.82 28.29 -12.56
CA VAL B 495 19.62 27.10 -12.85
C VAL B 495 19.12 26.54 -14.17
N PHE B 496 20.05 26.15 -15.04
CA PHE B 496 19.67 25.57 -16.32
C PHE B 496 19.60 24.06 -16.14
N CYS B 497 18.40 23.51 -16.26
CA CYS B 497 18.14 22.09 -16.02
C CYS B 497 17.86 21.45 -17.36
N LEU B 498 18.74 20.54 -17.78
CA LEU B 498 18.71 20.02 -19.14
C LEU B 498 18.31 18.55 -19.13
N ASN B 499 17.45 18.18 -20.07
CA ASN B 499 17.12 16.79 -20.37
C ASN B 499 17.81 16.47 -21.68
N ARG B 500 18.79 15.56 -21.66
CA ARG B 500 19.58 15.28 -22.84
C ARG B 500 19.83 13.78 -22.92
N TYR B 501 19.81 13.27 -24.14
CA TYR B 501 19.88 11.85 -24.42
C TYR B 501 20.92 11.57 -25.50
N TYR B 502 22.13 12.06 -25.26
CA TYR B 502 23.26 11.78 -26.15
C TYR B 502 23.67 10.32 -25.98
N GLY B 503 23.48 9.51 -27.02
CA GLY B 503 23.69 8.07 -26.94
C GLY B 503 22.42 7.26 -26.85
N TRP B 504 21.26 7.90 -26.76
CA TRP B 504 19.98 7.19 -26.79
C TRP B 504 19.09 7.73 -27.90
N TYR B 505 18.48 8.91 -27.76
CA TYR B 505 17.65 9.46 -28.83
C TYR B 505 18.45 10.06 -29.97
N THR B 506 19.74 10.31 -29.76
CA THR B 506 20.66 10.63 -30.84
C THR B 506 21.92 9.82 -30.58
N CYS B 507 22.69 9.57 -31.64
CA CYS B 507 23.97 8.85 -31.53
C CYS B 507 23.77 7.48 -30.88
N GLY B 508 22.59 6.88 -31.05
CA GLY B 508 22.34 5.60 -30.44
C GLY B 508 23.31 4.54 -30.94
N ALA B 509 23.96 3.84 -30.01
CA ALA B 509 25.01 2.86 -30.32
C ALA B 509 26.23 3.48 -31.00
N ASP B 510 26.46 4.78 -30.83
CA ASP B 510 27.66 5.45 -31.32
C ASP B 510 28.14 6.38 -30.19
N LEU B 511 28.70 5.77 -29.13
CA LEU B 511 28.98 6.55 -27.93
C LEU B 511 30.15 7.51 -28.11
N GLN B 512 31.06 7.23 -29.06
CA GLN B 512 32.07 8.22 -29.42
C GLN B 512 31.42 9.48 -29.99
N ALA B 513 30.50 9.31 -30.96
CA ALA B 513 29.76 10.45 -31.49
C ALA B 513 28.98 11.15 -30.39
N ALA B 514 28.36 10.37 -29.50
CA ALA B 514 27.63 10.96 -28.39
C ALA B 514 28.54 11.85 -27.55
N GLU B 515 29.77 11.40 -27.29
CA GLU B 515 30.65 12.18 -26.43
C GLU B 515 31.01 13.51 -27.08
N LYS B 516 31.26 13.49 -28.38
CA LYS B 516 31.61 14.72 -29.09
C LYS B 516 30.43 15.69 -29.15
N MET B 517 29.23 15.19 -29.46
CA MET B 517 28.07 16.09 -29.55
C MET B 517 27.65 16.58 -28.17
N CYS B 518 27.74 15.72 -27.14
CA CYS B 518 27.51 16.19 -25.78
C CYS B 518 28.46 17.33 -25.41
N ARG B 519 29.75 17.18 -25.69
CA ARG B 519 30.71 18.22 -25.33
C ARG B 519 30.41 19.52 -26.06
N GLU B 520 30.14 19.45 -27.36
CA GLU B 520 29.88 20.67 -28.12
C GLU B 520 28.76 21.50 -27.50
N GLU B 521 27.66 20.86 -27.08
CA GLU B 521 26.57 21.64 -26.51
C GLU B 521 26.85 22.05 -25.08
N LEU B 522 27.33 21.12 -24.24
CA LEU B 522 27.46 21.46 -22.82
C LEU B 522 28.54 22.52 -22.57
N GLU B 523 29.56 22.58 -23.44
CA GLU B 523 30.50 23.69 -23.36
C GLU B 523 29.82 25.04 -23.56
N PHE B 524 28.84 25.10 -24.46
CA PHE B 524 28.03 26.31 -24.58
C PHE B 524 27.38 26.67 -23.24
N TRP B 525 26.63 25.74 -22.65
CA TRP B 525 25.98 26.03 -21.37
C TRP B 525 26.99 26.40 -20.30
N ASN B 526 28.14 25.71 -20.30
CA ASN B 526 29.17 25.98 -19.31
C ASN B 526 29.77 27.36 -19.47
N SER B 527 29.76 27.90 -20.69
CA SER B 527 30.30 29.23 -20.97
C SER B 527 29.40 30.35 -20.48
N LEU B 528 28.16 30.07 -20.07
CA LEU B 528 27.27 31.09 -19.53
C LEU B 528 27.55 31.42 -18.08
N GLY B 529 28.35 30.62 -17.39
CA GLY B 529 28.76 30.95 -16.04
C GLY B 529 27.72 30.75 -14.95
N LYS B 530 26.54 30.25 -15.29
CA LYS B 530 25.54 29.99 -14.29
C LYS B 530 25.47 28.50 -13.99
N PRO B 531 24.93 28.10 -12.84
CA PRO B 531 24.89 26.66 -12.54
C PRO B 531 23.96 25.94 -13.52
N PHE B 532 24.41 24.78 -13.99
CA PHE B 532 23.52 23.95 -14.80
C PHE B 532 23.70 22.49 -14.40
N MET B 533 22.73 21.67 -14.81
CA MET B 533 22.70 20.27 -14.40
C MET B 533 21.90 19.45 -15.41
N TYR B 534 22.05 18.13 -15.29
CA TYR B 534 21.18 17.18 -15.97
C TYR B 534 20.01 16.89 -15.02
N THR B 535 18.79 17.09 -15.49
CA THR B 535 17.62 16.56 -14.80
C THR B 535 17.08 15.28 -15.42
N GLU B 536 17.52 14.95 -16.64
CA GLU B 536 17.26 13.65 -17.25
C GLU B 536 18.43 13.29 -18.16
N TYR B 537 18.81 12.02 -18.11
CA TYR B 537 19.68 11.36 -19.07
C TYR B 537 19.66 9.86 -18.77
N GLY B 538 19.55 9.04 -19.81
CA GLY B 538 19.46 7.60 -19.60
C GLY B 538 19.18 6.88 -20.89
N ALA B 539 18.90 5.57 -20.74
CA ALA B 539 18.86 4.66 -21.89
C ALA B 539 17.99 3.48 -21.50
N ASP B 540 16.98 3.17 -22.31
CA ASP B 540 16.07 2.08 -21.97
C ASP B 540 16.86 0.80 -21.82
N THR B 541 16.59 0.07 -20.74
CA THR B 541 17.39 -1.09 -20.37
C THR B 541 16.47 -2.18 -19.82
N VAL B 542 16.42 -3.32 -20.51
CA VAL B 542 15.59 -4.42 -20.06
C VAL B 542 16.45 -5.32 -19.19
N MET B 543 16.06 -5.47 -17.92
N MET B 543 16.05 -5.49 -17.93
CA MET B 543 16.81 -6.34 -17.04
CA MET B 543 16.77 -6.36 -17.00
C MET B 543 16.92 -7.73 -17.67
C MET B 543 16.89 -7.76 -17.58
N GLY B 544 18.11 -8.29 -17.62
CA GLY B 544 18.37 -9.60 -18.16
C GLY B 544 18.90 -9.62 -19.58
N LEU B 545 18.91 -8.49 -20.28
CA LEU B 545 19.55 -8.43 -21.59
C LEU B 545 21.00 -7.98 -21.40
N HIS B 546 21.94 -8.70 -22.01
CA HIS B 546 23.37 -8.43 -21.84
C HIS B 546 24.10 -8.58 -23.17
N ASP B 547 25.23 -7.89 -23.27
CA ASP B 547 26.19 -8.05 -24.34
C ASP B 547 27.48 -7.37 -23.90
N THR B 548 28.60 -8.00 -24.16
CA THR B 548 29.87 -7.33 -23.89
C THR B 548 30.16 -6.23 -24.91
N THR B 549 29.51 -6.26 -26.07
CA THR B 549 29.75 -5.31 -27.15
C THR B 549 28.55 -4.37 -27.26
N ASP B 550 28.81 -3.06 -27.28
CA ASP B 550 27.78 -2.03 -27.14
C ASP B 550 26.51 -2.34 -27.93
N SER B 551 25.40 -2.55 -27.21
N SER B 551 25.40 -2.49 -27.20
CA SER B 551 24.12 -2.87 -27.84
CA SER B 551 24.13 -2.85 -27.82
C SER B 551 23.00 -2.24 -27.02
C SER B 551 23.00 -2.22 -27.01
N MET B 552 22.24 -1.33 -27.64
CA MET B 552 21.14 -0.69 -26.94
C MET B 552 20.16 -1.71 -26.38
N PHE B 553 19.58 -1.34 -25.23
CA PHE B 553 18.65 -2.04 -24.36
C PHE B 553 19.33 -3.03 -23.40
N THR B 554 20.64 -3.26 -23.52
CA THR B 554 21.35 -4.15 -22.60
C THR B 554 21.83 -3.40 -21.37
N GLU B 555 22.00 -4.16 -20.29
CA GLU B 555 22.45 -3.58 -19.02
C GLU B 555 23.83 -2.95 -19.16
N GLU B 556 24.71 -3.56 -19.96
CA GLU B 556 26.04 -3.00 -20.14
C GLU B 556 25.99 -1.67 -20.88
N TYR B 557 25.09 -1.55 -21.87
CA TYR B 557 25.00 -0.30 -22.61
C TYR B 557 24.53 0.84 -21.72
N GLN B 558 23.67 0.56 -20.75
CA GLN B 558 23.23 1.61 -19.83
C GLN B 558 24.43 2.21 -19.11
N VAL B 559 25.30 1.36 -18.59
CA VAL B 559 26.51 1.78 -17.90
C VAL B 559 27.42 2.58 -18.82
N GLU B 560 27.68 2.05 -20.02
CA GLU B 560 28.58 2.72 -20.95
C GLU B 560 28.00 4.07 -21.38
N TYR B 561 26.69 4.13 -21.60
CA TYR B 561 26.01 5.40 -21.85
C TYR B 561 26.34 6.43 -20.78
N TYR B 562 26.24 6.04 -19.51
CA TYR B 562 26.45 6.99 -18.43
C TYR B 562 27.93 7.34 -18.29
N LYS B 563 28.82 6.37 -18.45
CA LYS B 563 30.27 6.63 -18.39
C LYS B 563 30.66 7.69 -19.43
N THR B 564 30.08 7.59 -20.63
CA THR B 564 30.40 8.50 -21.72
C THR B 564 29.93 9.91 -21.41
N ASN B 565 28.73 10.05 -20.83
CA ASN B 565 28.24 11.36 -20.43
C ASN B 565 29.09 11.95 -19.31
N HIS B 566 29.47 11.14 -18.33
CA HIS B 566 30.26 11.66 -17.22
C HIS B 566 31.67 12.08 -17.66
N LYS B 567 32.21 11.47 -18.72
CA LYS B 567 33.49 11.92 -19.28
C LYS B 567 33.45 13.41 -19.59
N VAL B 568 32.31 13.89 -20.08
CA VAL B 568 32.13 15.30 -20.40
C VAL B 568 31.76 16.11 -19.15
N THR B 569 30.72 15.70 -18.43
CA THR B 569 30.18 16.58 -17.39
C THR B 569 31.18 16.77 -16.27
N ASP B 570 32.02 15.77 -16.01
CA ASP B 570 32.98 15.85 -14.92
C ASP B 570 34.06 16.89 -15.19
N THR B 571 34.21 17.35 -16.43
CA THR B 571 35.21 18.36 -16.79
C THR B 571 34.64 19.78 -16.88
N LEU B 572 33.37 19.98 -16.54
CA LEU B 572 32.70 21.28 -16.71
C LEU B 572 32.39 21.85 -15.34
N ASP B 573 32.97 23.01 -15.02
N ASP B 573 32.95 23.02 -15.06
CA ASP B 573 32.90 23.50 -13.65
CA ASP B 573 32.93 23.58 -13.70
C ASP B 573 31.53 24.08 -13.27
C ASP B 573 31.53 24.02 -13.29
N CYS B 574 30.70 24.48 -14.23
CA CYS B 574 29.36 24.96 -13.91
C CYS B 574 28.32 23.84 -13.78
N PHE B 575 28.65 22.63 -14.19
CA PHE B 575 27.74 21.50 -14.08
C PHE B 575 27.68 21.05 -12.63
N ILE B 576 26.54 21.31 -11.97
CA ILE B 576 26.44 21.18 -10.51
C ILE B 576 25.52 20.04 -10.10
N GLY B 577 25.10 19.19 -11.01
CA GLY B 577 24.22 18.11 -10.60
C GLY B 577 23.91 17.09 -11.67
N GLU B 578 23.67 15.85 -11.25
CA GLU B 578 23.25 14.80 -12.16
C GLU B 578 22.05 14.10 -11.55
N GLN B 579 20.94 14.16 -12.26
CA GLN B 579 19.75 13.40 -11.92
C GLN B 579 19.41 12.58 -13.15
N VAL B 580 19.45 11.27 -12.99
CA VAL B 580 19.22 10.34 -14.09
C VAL B 580 17.73 10.28 -14.40
N TRP B 581 17.43 9.89 -15.63
CA TRP B 581 16.10 9.41 -15.96
C TRP B 581 16.25 7.91 -16.12
N ASN B 582 15.61 7.13 -15.24
CA ASN B 582 14.68 7.43 -14.14
C ASN B 582 15.16 6.61 -12.93
N PHE B 583 14.60 6.87 -11.76
CA PHE B 583 14.84 6.01 -10.61
C PHE B 583 14.45 4.56 -10.90
N ALA B 584 13.25 4.35 -11.46
CA ALA B 584 12.72 3.00 -11.67
C ALA B 584 11.84 2.96 -12.92
N ASP B 585 11.84 1.80 -13.59
CA ASP B 585 10.90 1.56 -14.70
C ASP B 585 9.48 1.92 -14.30
N PHE B 586 8.71 2.50 -15.24
CA PHE B 586 7.33 2.92 -14.95
C PHE B 586 6.44 2.75 -16.17
N ALA B 587 5.12 2.84 -15.94
CA ALA B 587 4.15 2.57 -16.99
C ALA B 587 3.94 3.81 -17.90
N THR B 588 3.72 3.53 -19.17
CA THR B 588 3.46 4.59 -20.14
C THR B 588 2.32 4.13 -21.05
N SER B 589 1.97 4.97 -22.01
CA SER B 589 1.09 4.55 -23.08
C SER B 589 1.78 3.48 -23.92
N GLN B 590 0.99 2.80 -24.75
N GLN B 590 0.99 2.79 -24.75
CA GLN B 590 1.50 1.74 -25.60
CA GLN B 590 1.51 1.73 -25.59
C GLN B 590 2.08 2.28 -26.89
C GLN B 590 2.08 2.28 -26.89
N GLY B 591 3.16 1.68 -27.35
CA GLY B 591 3.80 2.15 -28.57
C GLY B 591 4.98 1.27 -28.91
N LEU B 592 5.44 1.42 -30.15
CA LEU B 592 6.52 0.57 -30.67
C LEU B 592 7.86 0.82 -30.01
N ILE B 593 8.05 1.96 -29.33
CA ILE B 593 9.30 2.27 -28.64
C ILE B 593 9.20 2.09 -27.13
N ARG B 594 8.07 1.61 -26.62
CA ARG B 594 7.89 1.46 -25.18
C ARG B 594 7.73 -0.03 -24.88
N VAL B 595 8.80 -0.62 -24.36
CA VAL B 595 8.87 -2.05 -24.09
C VAL B 595 8.13 -2.36 -22.79
N GLN B 596 6.80 -2.44 -22.85
CA GLN B 596 5.97 -2.46 -21.65
C GLN B 596 6.34 -1.33 -20.70
N GLY B 597 6.22 -0.11 -21.20
CA GLY B 597 6.53 1.05 -20.41
C GLY B 597 7.94 1.58 -20.65
N ASN B 598 8.30 2.51 -19.80
CA ASN B 598 9.60 3.17 -19.89
C ASN B 598 10.59 2.36 -19.06
N LYS B 599 11.68 1.94 -19.71
CA LYS B 599 12.67 1.04 -19.12
C LYS B 599 13.99 1.75 -18.79
N LYS B 600 13.96 3.07 -18.58
CA LYS B 600 15.18 3.80 -18.27
C LYS B 600 15.53 3.80 -16.79
N GLY B 601 14.74 3.13 -15.95
CA GLY B 601 15.10 3.05 -14.54
C GLY B 601 16.49 2.49 -14.31
N LEU B 602 17.14 2.99 -13.24
CA LEU B 602 18.26 2.24 -12.66
C LEU B 602 17.75 1.00 -11.94
N PHE B 603 16.52 1.05 -11.44
CA PHE B 603 15.82 -0.06 -10.81
C PHE B 603 14.64 -0.49 -11.66
N THR B 604 14.25 -1.75 -11.52
CA THR B 604 13.02 -2.24 -12.14
C THR B 604 11.81 -1.66 -11.43
N ARG B 605 10.63 -1.99 -11.94
CA ARG B 605 9.41 -1.50 -11.31
C ARG B 605 9.23 -2.08 -9.91
N ASP B 606 9.70 -3.30 -9.67
CA ASP B 606 9.72 -3.85 -8.31
C ASP B 606 11.04 -3.58 -7.60
N ARG B 607 11.72 -2.49 -7.98
CA ARG B 607 12.84 -1.92 -7.24
C ARG B 607 14.05 -2.87 -7.17
N LYS B 608 14.32 -3.61 -8.28
CA LYS B 608 15.51 -4.44 -8.28
C LYS B 608 16.63 -3.74 -9.06
N PRO B 609 17.86 -3.71 -8.54
CA PRO B 609 18.94 -2.94 -9.21
C PRO B 609 19.44 -3.57 -10.49
N LYS B 610 19.50 -2.76 -11.55
CA LYS B 610 20.22 -3.17 -12.75
C LYS B 610 21.72 -2.94 -12.55
N LEU B 611 22.51 -3.39 -13.52
N LEU B 611 22.51 -3.38 -13.53
CA LEU B 611 23.95 -3.17 -13.49
CA LEU B 611 23.95 -3.17 -13.48
C LEU B 611 24.29 -1.69 -13.27
C LEU B 611 24.30 -1.69 -13.28
N ALA B 612 23.55 -0.80 -13.93
CA ALA B 612 23.85 0.63 -13.82
C ALA B 612 23.51 1.16 -12.44
N ALA B 613 22.60 0.51 -11.71
CA ALA B 613 22.37 0.92 -10.32
C ALA B 613 23.62 0.70 -9.48
N HIS B 614 24.33 -0.40 -9.72
CA HIS B 614 25.55 -0.68 -8.95
C HIS B 614 26.67 0.25 -9.40
N TYR B 615 26.74 0.52 -10.70
CA TYR B 615 27.66 1.55 -11.22
C TYR B 615 27.47 2.87 -10.48
N PHE B 616 26.22 3.32 -10.32
CA PHE B 616 26.02 4.61 -9.65
C PHE B 616 26.29 4.53 -8.15
N LYS B 617 26.02 3.38 -7.52
CA LYS B 617 26.40 3.27 -6.12
C LYS B 617 27.90 3.51 -5.96
N GLU B 618 28.71 2.87 -6.81
CA GLU B 618 30.15 3.15 -6.80
C GLU B 618 30.45 4.62 -7.09
N ARG B 619 29.86 5.16 -8.17
CA ARG B 619 30.21 6.52 -8.56
C ARG B 619 29.83 7.53 -7.47
N TRP B 620 28.59 7.47 -6.99
CA TRP B 620 28.14 8.42 -5.96
C TRP B 620 28.83 8.21 -4.62
N SER B 621 29.41 7.03 -4.38
CA SER B 621 30.15 6.84 -3.15
C SER B 621 31.46 7.63 -3.14
N LYS B 622 31.97 8.03 -4.30
CA LYS B 622 33.24 8.73 -4.43
C LYS B 622 33.07 10.22 -4.70
N ILE B 623 31.83 10.72 -4.76
CA ILE B 623 31.51 12.11 -5.05
C ILE B 623 30.86 12.71 -3.80
N PRO B 624 31.41 13.79 -3.24
CA PRO B 624 30.82 14.36 -2.01
C PRO B 624 29.58 15.17 -2.33
N ASP B 625 28.70 15.28 -1.33
CA ASP B 625 27.54 16.14 -1.49
C ASP B 625 27.94 17.59 -1.64
N PHE B 626 29.02 18.01 -0.98
CA PHE B 626 29.50 19.39 -1.02
C PHE B 626 30.98 19.43 -1.40
N GLY B 627 31.35 20.44 -2.20
CA GLY B 627 32.75 20.67 -2.53
C GLY B 627 33.31 19.79 -3.62
N TYR B 628 32.47 19.12 -4.41
CA TYR B 628 32.95 18.37 -5.55
C TYR B 628 33.58 19.30 -6.59
N LYS B 629 32.93 20.42 -6.85
CA LYS B 629 33.42 21.43 -7.79
C LYS B 629 33.47 22.76 -7.04
N LYS B 630 34.61 23.01 -6.40
CA LYS B 630 34.77 24.16 -5.50
C LYS B 630 35.76 25.18 -6.08
#